data_1PN3
#
_entry.id   1PN3
#
_cell.length_a   152.500
_cell.length_b   152.500
_cell.length_c   98.740
_cell.angle_alpha   90.00
_cell.angle_beta   90.00
_cell.angle_gamma   120.00
#
_symmetry.space_group_name_H-M   'P 32 2 1'
#
loop_
_entity.id
_entity.type
_entity.pdbx_description
1 polymer 'GLYCOSYLTRANSFERASE GTFA'
2 polymer 'DESVANCOSAMINYL VANCOMYCIN'
3 non-polymer "THYMIDINE-5'-DIPHOSPHATE"
4 non-polymer beta-D-glucopyranose
5 water water
#
loop_
_entity_poly.entity_id
_entity_poly.type
_entity_poly.pdbx_seq_one_letter_code
_entity_poly.pdbx_strand_id
1 'polypeptide(L)'
;MRVLITGCGSRGDTEPLVALAARLRELGADARMCLPPDYVERCAEVGVPMVPVGRAVRAGAREPGELPPGAAEVVTEVVA
EWFDKVPAAIEGCDAVVTTGLLPAAVAVRSMAEKLGIPYRYTVLSPDHLPSEQSQAERDMYNQGADRLFGDAVNSHRASI
GLPPVEHLYDYGYTDQPWLAADPVLSPLRPTDLGTVQTGAWILPDERPLSAELEAFLAAGSTPVYVGFGSSSRPATADAA
KMAIKAVRASGRRIVLSRGWADLVLPDDGADCFVVGEVNLQELFGRVAAAIHHDSAGTTLLAMRAGIPQIVVRRVVDNVV
EQAYHADRVAELGVGVAVDGPVPTIDSLSAALDTALAPEIRARATTVADTIRADGTTVAAQLLFDAVSLEKPTVPALEHH
HHHH
;
A,B
2 'polypeptide(L)' (MLU)(OMZ)N(GHP)(GHP)(OMY)(3FG) C,D
#
loop_
_chem_comp.id
_chem_comp.type
_chem_comp.name
_chem_comp.formula
BGC D-saccharide, beta linking beta-D-glucopyranose 'C6 H12 O6'
TYD non-polymer THYMIDINE-5'-DIPHOSPHATE 'C10 H16 N2 O11 P2'
#
# COMPACT_ATOMS: atom_id res chain seq x y z
N MET A 1 12.93 5.93 10.84
CA MET A 1 13.63 5.41 9.64
C MET A 1 13.55 6.40 8.49
N ARG A 2 14.66 6.54 7.78
CA ARG A 2 14.73 7.44 6.63
C ARG A 2 15.45 6.68 5.53
N VAL A 3 14.90 6.73 4.33
CA VAL A 3 15.46 6.03 3.20
C VAL A 3 15.75 6.92 2.00
N LEU A 4 16.87 6.66 1.33
CA LEU A 4 17.24 7.40 0.14
C LEU A 4 17.01 6.46 -1.04
N ILE A 5 16.38 6.97 -2.10
CA ILE A 5 16.10 6.18 -3.28
C ILE A 5 16.73 6.84 -4.49
N THR A 6 17.63 6.11 -5.12
CA THR A 6 18.39 6.59 -6.28
C THR A 6 18.03 5.86 -7.57
N GLY A 7 18.24 6.54 -8.68
CA GLY A 7 17.96 5.94 -9.97
C GLY A 7 18.32 6.87 -11.11
N CYS A 8 18.50 6.28 -12.30
CA CYS A 8 18.83 7.04 -13.50
C CYS A 8 18.51 6.18 -14.72
N GLY A 9 17.32 6.39 -15.28
CA GLY A 9 16.89 5.63 -16.45
C GLY A 9 15.59 6.17 -17.00
N SER A 10 14.97 5.43 -17.92
CA SER A 10 13.71 5.85 -18.52
C SER A 10 12.68 6.06 -17.41
N ARG A 11 11.45 6.40 -17.77
CA ARG A 11 10.44 6.62 -16.74
C ARG A 11 10.02 5.31 -16.08
N GLY A 12 10.18 4.21 -16.82
CA GLY A 12 9.83 2.90 -16.30
C GLY A 12 10.82 2.51 -15.24
N ASP A 13 11.97 3.18 -15.25
CA ASP A 13 13.00 2.91 -14.27
C ASP A 13 12.76 3.79 -13.05
N THR A 14 12.08 4.91 -13.25
CA THR A 14 11.84 5.85 -12.18
C THR A 14 10.51 5.74 -11.41
N GLU A 15 9.39 5.60 -12.12
CA GLU A 15 8.10 5.51 -11.45
C GLU A 15 8.09 4.53 -10.27
N PRO A 16 8.73 3.37 -10.43
CA PRO A 16 8.75 2.39 -9.33
C PRO A 16 9.40 2.96 -8.07
N LEU A 17 10.45 3.74 -8.24
CA LEU A 17 11.16 4.35 -7.14
C LEU A 17 10.31 5.40 -6.44
N VAL A 18 9.62 6.17 -7.25
CA VAL A 18 8.73 7.23 -6.75
C VAL A 18 7.60 6.58 -5.94
N ALA A 19 7.17 5.41 -6.37
CA ALA A 19 6.10 4.69 -5.69
C ALA A 19 6.58 4.22 -4.31
N LEU A 20 7.80 3.69 -4.27
CA LEU A 20 8.37 3.21 -3.02
C LEU A 20 8.49 4.37 -2.03
N ALA A 21 9.02 5.49 -2.50
CA ALA A 21 9.20 6.65 -1.63
C ALA A 21 7.85 7.18 -1.15
N ALA A 22 6.86 7.20 -2.03
CA ALA A 22 5.54 7.68 -1.66
C ALA A 22 4.94 6.78 -0.58
N ARG A 23 5.15 5.48 -0.73
CA ARG A 23 4.64 4.49 0.20
C ARG A 23 5.33 4.58 1.56
N LEU A 24 6.64 4.81 1.53
CA LEU A 24 7.43 4.93 2.75
C LEU A 24 6.96 6.07 3.63
N ARG A 25 6.89 7.26 3.08
CA ARG A 25 6.46 8.38 3.88
C ARG A 25 4.99 8.26 4.22
N GLU A 26 4.29 7.38 3.52
CA GLU A 26 2.89 7.17 3.79
C GLU A 26 2.77 6.32 5.05
N LEU A 27 3.77 5.47 5.27
CA LEU A 27 3.81 4.60 6.43
C LEU A 27 4.48 5.28 7.64
N GLY A 28 4.94 6.51 7.45
CA GLY A 28 5.57 7.23 8.55
C GLY A 28 7.06 7.42 8.34
N ALA A 29 7.66 6.57 7.51
CA ALA A 29 9.08 6.66 7.25
C ALA A 29 9.33 7.94 6.45
N ASP A 30 10.59 8.24 6.19
CA ASP A 30 10.90 9.43 5.43
C ASP A 30 11.67 9.00 4.19
N ALA A 31 11.43 9.65 3.06
CA ALA A 31 12.12 9.26 1.86
C ALA A 31 12.54 10.45 1.02
N ARG A 32 13.78 10.41 0.56
CA ARG A 32 14.32 11.46 -0.28
C ARG A 32 14.73 10.77 -1.57
N MET A 33 14.88 11.52 -2.65
CA MET A 33 15.26 10.91 -3.90
C MET A 33 16.38 11.65 -4.62
N CYS A 34 17.06 10.91 -5.50
CA CYS A 34 18.14 11.44 -6.32
C CYS A 34 17.87 10.90 -7.71
N LEU A 35 17.39 11.78 -8.58
CA LEU A 35 17.04 11.42 -9.95
C LEU A 35 17.40 12.54 -10.92
N PRO A 36 17.48 12.22 -12.21
CA PRO A 36 17.80 13.27 -13.19
C PRO A 36 16.69 14.33 -13.21
N PRO A 37 17.04 15.57 -13.56
CA PRO A 37 16.10 16.70 -13.61
C PRO A 37 14.74 16.38 -14.24
N ASP A 38 14.70 15.33 -15.05
CA ASP A 38 13.48 14.91 -15.72
C ASP A 38 12.29 14.74 -14.77
N TYR A 39 12.55 14.19 -13.60
CA TYR A 39 11.45 13.89 -12.68
C TYR A 39 11.10 14.85 -11.55
N VAL A 40 11.53 16.11 -11.66
CA VAL A 40 11.23 17.08 -10.62
C VAL A 40 9.72 17.32 -10.51
N GLU A 41 9.07 17.60 -11.64
CA GLU A 41 7.63 17.85 -11.63
C GLU A 41 6.86 16.69 -11.05
N ARG A 42 7.17 15.49 -11.54
CA ARG A 42 6.52 14.28 -11.07
C ARG A 42 6.67 14.15 -9.55
N CYS A 43 7.89 14.32 -9.05
CA CYS A 43 8.13 14.21 -7.61
C CYS A 43 7.34 15.24 -6.80
N ALA A 44 7.40 16.50 -7.21
CA ALA A 44 6.67 17.55 -6.53
C ALA A 44 5.19 17.21 -6.60
N GLU A 45 4.82 16.61 -7.72
CA GLU A 45 3.44 16.22 -7.97
C GLU A 45 2.99 15.18 -6.94
N VAL A 46 3.85 14.21 -6.66
CA VAL A 46 3.52 13.17 -5.70
C VAL A 46 3.85 13.59 -4.26
N GLY A 47 4.56 14.70 -4.10
CA GLY A 47 4.89 15.17 -2.76
C GLY A 47 6.11 14.52 -2.13
N VAL A 48 7.01 14.04 -2.95
CA VAL A 48 8.22 13.41 -2.48
C VAL A 48 9.45 14.28 -2.74
N PRO A 49 10.13 14.69 -1.67
CA PRO A 49 11.32 15.53 -1.82
C PRO A 49 12.32 14.84 -2.74
N MET A 50 12.91 15.60 -3.65
CA MET A 50 13.86 15.05 -4.59
C MET A 50 14.98 16.02 -4.95
N VAL A 51 16.17 15.47 -5.16
CA VAL A 51 17.34 16.22 -5.54
C VAL A 51 17.68 15.87 -6.99
N PRO A 52 17.77 16.89 -7.85
CA PRO A 52 18.10 16.71 -9.27
C PRO A 52 19.58 16.44 -9.47
N VAL A 53 19.92 15.28 -10.02
CA VAL A 53 21.31 14.92 -10.24
C VAL A 53 21.64 14.53 -11.67
N GLY A 54 22.71 15.13 -12.21
CA GLY A 54 23.15 14.82 -13.55
C GLY A 54 22.29 15.38 -14.68
N ARG A 55 22.49 14.82 -15.87
CA ARG A 55 21.79 15.21 -17.08
C ARG A 55 20.36 14.70 -17.16
N ALA A 56 19.60 15.21 -18.13
CA ALA A 56 18.21 14.79 -18.35
C ALA A 56 18.24 13.51 -19.18
N VAL A 57 17.35 12.57 -18.86
CA VAL A 57 17.33 11.31 -19.58
C VAL A 57 16.62 11.44 -20.92
N ARG A 58 15.58 12.25 -20.97
CA ARG A 58 14.84 12.46 -22.22
C ARG A 58 15.51 13.54 -23.08
N ALA A 59 15.80 13.18 -24.33
CA ALA A 59 16.43 14.11 -25.27
C ALA A 59 15.72 15.47 -25.27
N GLY A 60 14.43 15.45 -25.56
CA GLY A 60 13.65 16.68 -25.60
C GLY A 60 13.70 17.61 -24.40
N ALA A 61 14.62 17.35 -23.47
CA ALA A 61 14.77 18.20 -22.29
C ALA A 61 16.23 18.57 -22.08
N ARG A 62 17.00 18.47 -23.15
CA ARG A 62 18.43 18.79 -23.12
C ARG A 62 18.86 19.57 -24.35
N GLU A 63 20.06 20.13 -24.27
CA GLU A 63 20.65 20.88 -25.38
C GLU A 63 20.83 19.88 -26.52
N PRO A 64 20.64 20.36 -27.77
CA PRO A 64 20.77 19.55 -29.00
C PRO A 64 21.98 18.61 -29.00
N GLY A 65 23.06 19.05 -28.38
CA GLY A 65 24.27 18.24 -28.36
C GLY A 65 24.68 17.53 -27.09
N GLU A 66 23.98 17.73 -25.98
CA GLU A 66 24.39 17.02 -24.77
C GLU A 66 23.90 15.58 -24.80
N LEU A 67 24.82 14.65 -25.03
CA LEU A 67 24.49 13.23 -25.06
C LEU A 67 23.76 12.82 -23.78
N PRO A 68 23.08 11.66 -23.81
CA PRO A 68 22.36 11.15 -22.65
C PRO A 68 23.35 10.75 -21.56
N PRO A 69 22.89 10.67 -20.30
CA PRO A 69 23.75 10.30 -19.17
C PRO A 69 24.30 8.86 -19.26
N GLY A 70 23.61 8.00 -19.99
CA GLY A 70 24.07 6.63 -20.14
C GLY A 70 25.18 6.54 -21.19
N ALA A 71 25.42 7.65 -21.87
CA ALA A 71 26.45 7.72 -22.90
C ALA A 71 27.85 7.57 -22.31
N ALA A 72 28.56 6.54 -22.78
CA ALA A 72 29.91 6.28 -22.31
C ALA A 72 30.71 7.59 -22.31
N GLU A 73 30.76 8.22 -23.48
CA GLU A 73 31.46 9.49 -23.66
C GLU A 73 31.58 10.31 -22.37
N VAL A 74 30.47 10.49 -21.69
CA VAL A 74 30.43 11.33 -20.48
C VAL A 74 30.34 10.60 -19.12
N VAL A 75 30.66 9.31 -19.09
CA VAL A 75 30.61 8.53 -17.86
C VAL A 75 31.38 9.12 -16.67
N THR A 76 32.64 9.48 -16.89
CA THR A 76 33.43 10.03 -15.80
C THR A 76 32.71 11.23 -15.18
N GLU A 77 32.17 12.11 -16.02
CA GLU A 77 31.44 13.28 -15.51
C GLU A 77 30.31 12.83 -14.58
N VAL A 78 29.72 11.68 -14.90
CA VAL A 78 28.63 11.10 -14.12
C VAL A 78 29.12 10.71 -12.73
N VAL A 79 29.97 9.67 -12.69
CA VAL A 79 30.52 9.21 -11.42
C VAL A 79 30.84 10.40 -10.53
N ALA A 80 31.43 11.42 -11.16
CA ALA A 80 31.82 12.64 -10.48
C ALA A 80 30.62 13.41 -9.94
N GLU A 81 29.62 13.61 -10.79
CA GLU A 81 28.42 14.36 -10.42
C GLU A 81 27.71 13.83 -9.18
N TRP A 82 27.47 12.52 -9.14
CA TRP A 82 26.80 11.91 -8.01
C TRP A 82 27.61 12.07 -6.73
N PHE A 83 28.85 11.57 -6.74
CA PHE A 83 29.72 11.68 -5.57
C PHE A 83 29.68 13.11 -5.02
N ASP A 84 29.29 14.04 -5.88
CA ASP A 84 29.21 15.44 -5.53
C ASP A 84 27.89 15.85 -4.89
N LYS A 85 26.78 15.44 -5.49
CA LYS A 85 25.46 15.82 -4.98
C LYS A 85 24.74 14.89 -4.01
N VAL A 86 25.00 13.59 -4.08
CA VAL A 86 24.35 12.63 -3.19
C VAL A 86 24.54 12.95 -1.69
N PRO A 87 25.78 13.24 -1.27
CA PRO A 87 26.12 13.55 0.12
C PRO A 87 25.06 14.29 0.92
N ALA A 88 24.76 15.51 0.51
CA ALA A 88 23.75 16.30 1.23
C ALA A 88 22.46 15.51 1.45
N ALA A 89 22.16 14.61 0.52
CA ALA A 89 20.94 13.82 0.58
C ALA A 89 21.03 12.52 1.38
N ILE A 90 22.11 11.76 1.17
CA ILE A 90 22.27 10.49 1.87
C ILE A 90 22.50 10.71 3.37
N GLU A 91 22.97 11.89 3.73
CA GLU A 91 23.20 12.23 5.12
C GLU A 91 21.88 12.09 5.88
N GLY A 92 21.95 11.45 7.04
CA GLY A 92 20.77 11.26 7.87
C GLY A 92 19.90 10.10 7.43
N CYS A 93 20.40 9.32 6.47
CA CYS A 93 19.64 8.18 5.97
C CYS A 93 20.03 6.86 6.63
N ASP A 94 19.08 5.91 6.60
CA ASP A 94 19.29 4.61 7.22
C ASP A 94 19.43 3.50 6.19
N ALA A 95 19.03 3.77 4.96
CA ALA A 95 19.11 2.76 3.92
C ALA A 95 18.98 3.37 2.54
N VAL A 96 19.57 2.70 1.55
CA VAL A 96 19.54 3.17 0.18
C VAL A 96 18.98 2.13 -0.76
N VAL A 97 18.09 2.56 -1.64
CA VAL A 97 17.51 1.68 -2.65
C VAL A 97 17.78 2.39 -3.97
N THR A 98 18.39 1.69 -4.90
CA THR A 98 18.71 2.30 -6.17
C THR A 98 18.39 1.40 -7.36
N THR A 99 18.49 1.96 -8.57
CA THR A 99 18.25 1.22 -9.81
C THR A 99 18.76 2.00 -11.01
N GLY A 100 18.98 1.32 -12.13
CA GLY A 100 19.43 2.01 -13.32
C GLY A 100 20.94 2.15 -13.48
N LEU A 101 21.34 3.15 -14.27
CA LEU A 101 22.75 3.42 -14.58
C LEU A 101 23.75 2.95 -13.52
N LEU A 102 24.48 1.90 -13.86
CA LEU A 102 25.48 1.29 -12.98
C LEU A 102 26.52 2.28 -12.42
N PRO A 103 27.07 3.16 -13.27
CA PRO A 103 28.06 4.12 -12.79
C PRO A 103 27.58 4.81 -11.51
N ALA A 104 26.40 5.39 -11.59
CA ALA A 104 25.83 6.09 -10.44
C ALA A 104 25.46 5.11 -9.33
N ALA A 105 24.99 3.93 -9.71
CA ALA A 105 24.61 2.93 -8.73
C ALA A 105 25.79 2.63 -7.80
N VAL A 106 26.97 2.45 -8.41
CA VAL A 106 28.19 2.18 -7.68
C VAL A 106 28.56 3.38 -6.83
N ALA A 107 28.54 4.56 -7.42
CA ALA A 107 28.86 5.78 -6.70
C ALA A 107 28.02 5.87 -5.44
N VAL A 108 26.73 5.54 -5.57
CA VAL A 108 25.80 5.60 -4.45
C VAL A 108 26.09 4.54 -3.40
N ARG A 109 26.34 3.31 -3.84
CA ARG A 109 26.64 2.21 -2.92
C ARG A 109 27.83 2.62 -2.07
N SER A 110 28.79 3.27 -2.71
CA SER A 110 29.98 3.75 -2.05
C SER A 110 29.58 4.59 -0.85
N MET A 111 28.89 5.70 -1.10
CA MET A 111 28.49 6.59 -0.01
C MET A 111 27.66 5.91 1.07
N ALA A 112 26.97 4.84 0.73
CA ALA A 112 26.18 4.12 1.72
C ALA A 112 27.15 3.28 2.55
N GLU A 113 28.28 2.95 1.93
CA GLU A 113 29.32 2.14 2.56
C GLU A 113 30.08 3.00 3.58
N LYS A 114 30.36 4.26 3.21
CA LYS A 114 31.06 5.15 4.12
C LYS A 114 30.22 5.45 5.36
N LEU A 115 28.89 5.42 5.20
CA LEU A 115 28.00 5.69 6.32
C LEU A 115 27.73 4.46 7.16
N GLY A 116 27.78 3.30 6.51
CA GLY A 116 27.54 2.05 7.22
C GLY A 116 26.08 1.66 7.15
N ILE A 117 25.35 2.28 6.24
CA ILE A 117 23.92 2.00 6.04
C ILE A 117 23.76 0.97 4.93
N PRO A 118 22.76 0.07 5.07
CA PRO A 118 22.51 -0.96 4.06
C PRO A 118 22.10 -0.40 2.72
N TYR A 119 22.49 -1.11 1.67
CA TYR A 119 22.19 -0.71 0.30
C TYR A 119 21.52 -1.85 -0.44
N ARG A 120 20.60 -1.50 -1.32
CA ARG A 120 19.89 -2.50 -2.11
C ARG A 120 19.68 -2.03 -3.54
N TYR A 121 19.99 -2.89 -4.48
CA TYR A 121 19.83 -2.61 -5.89
C TYR A 121 18.64 -3.46 -6.35
N THR A 122 17.82 -2.91 -7.23
CA THR A 122 16.65 -3.63 -7.72
C THR A 122 16.58 -3.66 -9.23
N VAL A 123 16.10 -4.76 -9.77
CA VAL A 123 15.92 -4.92 -11.21
C VAL A 123 14.41 -4.97 -11.40
N LEU A 124 13.94 -4.61 -12.59
CA LEU A 124 12.50 -4.60 -12.84
C LEU A 124 12.05 -5.78 -13.67
N SER A 125 13.00 -6.55 -14.18
CA SER A 125 12.69 -7.70 -15.02
C SER A 125 13.60 -8.88 -14.67
N PRO A 126 13.06 -10.10 -14.66
CA PRO A 126 13.87 -11.28 -14.34
C PRO A 126 15.16 -11.40 -15.15
N ASP A 127 15.04 -11.30 -16.48
CA ASP A 127 16.21 -11.44 -17.34
C ASP A 127 17.36 -10.47 -17.09
N HIS A 128 17.25 -9.63 -16.05
CA HIS A 128 18.32 -8.71 -15.74
C HIS A 128 19.01 -9.16 -14.45
N LEU A 129 18.40 -10.14 -13.79
CA LEU A 129 18.97 -10.68 -12.57
C LEU A 129 20.26 -11.38 -12.99
N PRO A 130 21.40 -10.98 -12.41
CA PRO A 130 22.65 -11.63 -12.80
C PRO A 130 22.58 -13.16 -12.73
N SER A 131 21.62 -13.70 -11.99
CA SER A 131 21.49 -15.15 -11.91
C SER A 131 20.98 -15.70 -13.25
N GLU A 132 20.35 -14.84 -14.05
CA GLU A 132 19.85 -15.28 -15.34
C GLU A 132 20.87 -15.00 -16.43
N GLN A 133 22.00 -14.44 -16.02
CA GLN A 133 23.08 -14.14 -16.95
C GLN A 133 24.03 -15.32 -16.91
N SER A 134 24.76 -15.52 -17.99
CA SER A 134 25.72 -16.62 -18.07
C SER A 134 26.95 -16.22 -17.26
N GLN A 135 27.51 -17.17 -16.51
CA GLN A 135 28.71 -16.92 -15.71
C GLN A 135 29.72 -16.18 -16.59
N ALA A 136 29.55 -16.32 -17.90
CA ALA A 136 30.42 -15.66 -18.87
C ALA A 136 29.98 -14.21 -18.92
N GLU A 137 28.71 -13.99 -19.28
CA GLU A 137 28.10 -12.67 -19.37
C GLU A 137 28.58 -11.79 -18.22
N ARG A 138 28.61 -12.39 -17.03
CA ARG A 138 29.04 -11.68 -15.82
C ARG A 138 30.33 -10.91 -16.05
N ASP A 139 31.44 -11.64 -16.00
CA ASP A 139 32.78 -11.07 -16.17
C ASP A 139 32.84 -10.04 -17.30
N MET A 140 32.16 -10.32 -18.40
CA MET A 140 32.15 -9.38 -19.51
C MET A 140 31.69 -8.03 -18.97
N TYR A 141 30.47 -7.99 -18.41
CA TYR A 141 29.92 -6.76 -17.83
C TYR A 141 30.93 -6.16 -16.84
N ASN A 142 31.34 -6.96 -15.87
CA ASN A 142 32.30 -6.52 -14.85
C ASN A 142 33.49 -5.83 -15.50
N GLN A 143 34.16 -6.53 -16.41
CA GLN A 143 35.30 -5.97 -17.11
C GLN A 143 34.86 -4.61 -17.70
N GLY A 144 33.89 -4.66 -18.60
CA GLY A 144 33.38 -3.45 -19.22
C GLY A 144 33.34 -2.28 -18.27
N ALA A 145 32.58 -2.43 -17.19
CA ALA A 145 32.46 -1.37 -16.18
C ALA A 145 33.81 -1.01 -15.58
N ASP A 146 34.45 -2.01 -14.95
CA ASP A 146 35.77 -1.83 -14.33
C ASP A 146 36.67 -1.02 -15.28
N ARG A 147 36.50 -1.25 -16.58
CA ARG A 147 37.28 -0.54 -17.58
C ARG A 147 36.79 0.91 -17.73
N LEU A 148 35.50 1.05 -18.09
CA LEU A 148 34.86 2.35 -18.32
C LEU A 148 34.89 3.39 -17.20
N PHE A 149 34.73 2.97 -15.94
CA PHE A 149 34.75 3.94 -14.85
C PHE A 149 35.49 3.45 -13.60
N GLY A 150 36.02 2.24 -13.69
CA GLY A 150 36.77 1.65 -12.58
C GLY A 150 37.64 2.62 -11.81
N ASP A 151 38.29 3.54 -12.51
CA ASP A 151 39.16 4.52 -11.84
C ASP A 151 38.39 5.67 -11.19
N ALA A 152 37.68 6.46 -11.99
CA ALA A 152 36.93 7.60 -11.47
C ALA A 152 36.17 7.25 -10.18
N VAL A 153 35.77 5.98 -10.07
CA VAL A 153 35.08 5.52 -8.87
C VAL A 153 36.05 5.53 -7.70
N ASN A 154 37.02 4.61 -7.75
CA ASN A 154 38.02 4.51 -6.69
C ASN A 154 38.62 5.88 -6.33
N SER A 155 38.87 6.73 -7.32
CA SER A 155 39.40 8.06 -7.01
C SER A 155 38.53 8.71 -5.94
N HIS A 156 37.26 8.95 -6.30
CA HIS A 156 36.30 9.57 -5.38
C HIS A 156 36.14 8.72 -4.13
N ARG A 157 36.33 7.41 -4.28
CA ARG A 157 36.21 6.51 -3.15
C ARG A 157 37.33 6.87 -2.18
N ALA A 158 38.56 6.84 -2.70
CA ALA A 158 39.72 7.18 -1.90
C ALA A 158 39.58 8.62 -1.43
N SER A 159 38.82 9.40 -2.19
CA SER A 159 38.62 10.81 -1.86
C SER A 159 37.74 11.03 -0.62
N ILE A 160 37.03 9.99 -0.16
CA ILE A 160 36.22 10.14 1.06
C ILE A 160 36.66 9.19 2.17
N GLY A 161 37.58 8.28 1.87
CA GLY A 161 38.07 7.37 2.90
C GLY A 161 38.17 5.91 2.50
N LEU A 162 37.11 5.38 1.90
CA LEU A 162 37.10 3.97 1.50
C LEU A 162 38.17 3.61 0.47
N PRO A 163 38.57 2.33 0.41
CA PRO A 163 39.57 1.83 -0.53
C PRO A 163 38.92 1.41 -1.84
N PRO A 164 39.73 1.10 -2.86
CA PRO A 164 39.27 0.67 -4.20
C PRO A 164 38.35 -0.55 -4.21
N VAL A 165 37.75 -0.79 -5.37
CA VAL A 165 36.85 -1.93 -5.57
C VAL A 165 36.89 -2.33 -7.02
N GLU A 166 36.61 -3.60 -7.29
CA GLU A 166 36.61 -4.10 -8.66
C GLU A 166 35.26 -4.75 -8.99
N HIS A 167 35.21 -5.52 -10.07
CA HIS A 167 33.96 -6.18 -10.49
C HIS A 167 32.73 -5.35 -10.11
N LEU A 168 32.71 -4.08 -10.53
CA LEU A 168 31.59 -3.21 -10.19
C LEU A 168 30.21 -3.70 -10.61
N TYR A 169 30.14 -4.64 -11.55
CA TYR A 169 28.84 -5.19 -11.96
C TYR A 169 28.22 -5.88 -10.74
N ASP A 170 29.04 -6.69 -10.08
CA ASP A 170 28.61 -7.43 -8.89
C ASP A 170 28.44 -6.47 -7.73
N TYR A 171 29.27 -5.42 -7.71
CA TYR A 171 29.22 -4.44 -6.63
C TYR A 171 27.91 -3.65 -6.66
N GLY A 172 27.67 -2.95 -7.77
CA GLY A 172 26.45 -2.15 -7.89
C GLY A 172 25.16 -2.95 -7.89
N TYR A 173 25.19 -4.17 -8.40
CA TYR A 173 23.99 -5.01 -8.45
C TYR A 173 23.86 -5.88 -7.21
N THR A 174 24.95 -5.97 -6.45
CA THR A 174 25.01 -6.79 -5.24
C THR A 174 24.79 -8.27 -5.55
N ASP A 175 25.28 -9.10 -4.64
CA ASP A 175 25.17 -10.55 -4.77
C ASP A 175 23.71 -10.99 -4.92
N GLN A 176 22.78 -10.26 -4.30
CA GLN A 176 21.37 -10.63 -4.39
C GLN A 176 20.47 -9.42 -4.64
N PRO A 177 20.48 -8.90 -5.89
CA PRO A 177 19.66 -7.74 -6.23
C PRO A 177 18.19 -8.10 -6.14
N TRP A 178 17.35 -7.10 -5.92
CA TRP A 178 15.91 -7.33 -5.79
C TRP A 178 15.20 -7.35 -7.13
N LEU A 179 14.06 -8.06 -7.17
CA LEU A 179 13.23 -8.16 -8.35
C LEU A 179 11.87 -7.55 -8.02
N ALA A 180 11.71 -6.27 -8.37
CA ALA A 180 10.45 -5.58 -8.10
C ALA A 180 9.49 -5.76 -9.27
N ALA A 181 8.90 -6.95 -9.34
CA ALA A 181 7.97 -7.26 -10.41
C ALA A 181 6.97 -8.30 -9.92
N ASP A 182 5.78 -8.31 -10.53
CA ASP A 182 4.74 -9.25 -10.15
C ASP A 182 5.01 -10.68 -10.61
N PRO A 183 4.71 -11.66 -9.74
CA PRO A 183 4.90 -13.09 -9.99
C PRO A 183 4.21 -13.66 -11.24
N VAL A 184 2.96 -13.31 -11.49
CA VAL A 184 2.24 -13.81 -12.65
C VAL A 184 2.86 -13.38 -13.99
N LEU A 185 3.25 -12.11 -14.08
CA LEU A 185 3.85 -11.59 -15.29
C LEU A 185 5.34 -11.90 -15.38
N SER A 186 6.08 -11.62 -14.32
CA SER A 186 7.52 -11.85 -14.33
C SER A 186 8.01 -12.90 -13.33
N PRO A 187 7.66 -14.18 -13.56
CA PRO A 187 8.08 -15.26 -12.66
C PRO A 187 9.58 -15.53 -12.71
N LEU A 188 10.11 -16.05 -11.60
CA LEU A 188 11.53 -16.38 -11.52
C LEU A 188 11.77 -17.72 -12.20
N ARG A 189 13.04 -18.11 -12.26
CA ARG A 189 13.43 -19.36 -12.88
C ARG A 189 14.59 -19.95 -12.08
N PRO A 190 14.59 -21.28 -11.87
CA PRO A 190 15.62 -22.00 -11.13
C PRO A 190 16.92 -21.23 -10.95
N THR A 191 17.51 -20.79 -12.05
CA THR A 191 18.75 -20.04 -11.96
C THR A 191 18.75 -19.02 -10.81
N ASP A 192 17.56 -18.49 -10.48
CA ASP A 192 17.43 -17.50 -9.39
C ASP A 192 16.56 -18.01 -8.25
N LEU A 193 17.17 -18.70 -7.28
CA LEU A 193 16.41 -19.24 -6.17
C LEU A 193 16.16 -18.24 -5.04
N GLY A 194 17.12 -18.11 -4.14
CA GLY A 194 16.98 -17.19 -3.03
C GLY A 194 17.01 -15.75 -3.51
N THR A 195 16.10 -15.42 -4.43
CA THR A 195 16.04 -14.08 -4.97
C THR A 195 14.73 -13.47 -4.50
N VAL A 196 14.82 -12.28 -3.94
CA VAL A 196 13.65 -11.58 -3.42
C VAL A 196 12.80 -10.94 -4.50
N GLN A 197 11.52 -11.33 -4.52
CA GLN A 197 10.55 -10.77 -5.46
C GLN A 197 9.46 -10.21 -4.56
N THR A 198 9.24 -8.90 -4.64
CA THR A 198 8.26 -8.24 -3.79
C THR A 198 6.94 -7.99 -4.50
N GLY A 199 6.98 -8.01 -5.82
CA GLY A 199 5.81 -7.72 -6.62
C GLY A 199 6.19 -6.35 -7.16
N ALA A 200 5.49 -5.84 -8.16
CA ALA A 200 5.86 -4.54 -8.70
C ALA A 200 5.51 -3.44 -7.72
N TRP A 201 6.23 -2.34 -7.81
CA TRP A 201 6.02 -1.18 -6.95
C TRP A 201 5.13 -0.22 -7.71
N ILE A 202 3.87 -0.18 -7.34
CA ILE A 202 2.92 0.69 -8.01
C ILE A 202 2.30 1.74 -7.08
N LEU A 203 2.25 2.98 -7.54
CA LEU A 203 1.66 4.06 -6.76
C LEU A 203 0.22 4.30 -7.18
N PRO A 204 -0.74 3.85 -6.35
CA PRO A 204 -2.15 4.03 -6.66
C PRO A 204 -2.45 5.48 -7.08
N ASP A 205 -2.58 5.68 -8.39
CA ASP A 205 -2.84 7.00 -8.96
C ASP A 205 -4.25 7.50 -8.70
N GLU A 206 -4.36 8.72 -8.19
CA GLU A 206 -5.67 9.29 -7.89
C GLU A 206 -5.98 10.50 -8.75
N ARG A 207 -5.04 10.90 -9.59
CA ARG A 207 -5.22 12.03 -10.49
C ARG A 207 -6.43 11.76 -11.38
N PRO A 208 -7.33 12.75 -11.52
CA PRO A 208 -8.52 12.61 -12.35
C PRO A 208 -8.26 12.98 -13.81
N LEU A 209 -8.91 12.30 -14.74
CA LEU A 209 -8.72 12.59 -16.16
C LEU A 209 -9.27 13.97 -16.45
N SER A 210 -8.63 14.70 -17.37
CA SER A 210 -9.09 16.04 -17.72
C SER A 210 -10.55 16.07 -18.18
N ALA A 211 -11.15 17.25 -18.17
CA ALA A 211 -12.55 17.42 -18.57
C ALA A 211 -12.74 17.06 -20.03
N GLU A 212 -11.71 17.35 -20.83
CA GLU A 212 -11.71 17.07 -22.25
C GLU A 212 -11.76 15.57 -22.46
N LEU A 213 -10.73 14.88 -21.97
CA LEU A 213 -10.65 13.43 -22.10
C LEU A 213 -11.97 12.80 -21.64
N GLU A 214 -12.49 13.29 -20.52
CA GLU A 214 -13.75 12.79 -19.99
C GLU A 214 -14.87 12.99 -21.02
N ALA A 215 -14.82 14.10 -21.72
CA ALA A 215 -15.81 14.43 -22.75
C ALA A 215 -15.70 13.41 -23.88
N PHE A 216 -14.49 13.31 -24.43
CA PHE A 216 -14.19 12.38 -25.52
C PHE A 216 -14.66 10.98 -25.14
N LEU A 217 -14.27 10.54 -23.95
CA LEU A 217 -14.67 9.22 -23.47
C LEU A 217 -16.16 9.18 -23.18
N ALA A 218 -16.90 10.06 -23.85
CA ALA A 218 -18.35 10.14 -23.68
C ALA A 218 -18.99 10.40 -25.04
N ALA A 219 -18.28 11.12 -25.90
CA ALA A 219 -18.76 11.45 -27.23
C ALA A 219 -18.62 10.29 -28.21
N GLY A 220 -18.65 9.06 -27.72
CA GLY A 220 -18.52 7.94 -28.65
C GLY A 220 -18.25 6.55 -28.09
N SER A 221 -17.80 5.68 -28.97
CA SER A 221 -17.49 4.30 -28.61
C SER A 221 -16.26 4.20 -27.71
N THR A 222 -16.19 3.09 -26.98
CA THR A 222 -15.07 2.82 -26.09
C THR A 222 -13.82 2.55 -26.95
N PRO A 223 -12.84 3.48 -26.90
CA PRO A 223 -11.57 3.47 -27.63
C PRO A 223 -10.48 2.49 -27.24
N VAL A 224 -9.49 2.38 -28.12
CA VAL A 224 -8.32 1.53 -27.91
C VAL A 224 -7.16 2.46 -27.55
N TYR A 225 -6.23 1.98 -26.73
CA TYR A 225 -5.10 2.81 -26.34
C TYR A 225 -3.86 2.50 -27.17
N VAL A 226 -3.15 3.56 -27.55
CA VAL A 226 -1.93 3.46 -28.32
C VAL A 226 -0.91 4.36 -27.66
N GLY A 227 0.21 3.77 -27.25
CA GLY A 227 1.26 4.53 -26.60
C GLY A 227 2.55 3.72 -26.54
N PHE A 228 3.68 4.43 -26.48
CA PHE A 228 4.97 3.77 -26.43
C PHE A 228 5.90 4.34 -25.37
N GLY A 229 5.30 4.79 -24.27
CA GLY A 229 6.04 5.34 -23.15
C GLY A 229 7.30 6.12 -23.45
N SER A 230 8.41 5.68 -22.88
CA SER A 230 9.69 6.37 -23.06
C SER A 230 10.34 6.10 -24.42
N SER A 231 9.75 5.21 -25.21
CA SER A 231 10.26 4.87 -26.54
C SER A 231 10.48 6.16 -27.33
N SER A 232 11.69 6.33 -27.84
CA SER A 232 12.05 7.53 -28.62
C SER A 232 12.73 7.18 -29.93
N ARG A 233 12.81 5.88 -30.24
CA ARG A 233 13.44 5.48 -31.50
C ARG A 233 12.64 6.11 -32.63
N PRO A 234 13.27 6.36 -33.77
CA PRO A 234 12.52 6.98 -34.88
C PRO A 234 11.36 6.13 -35.39
N ALA A 235 11.49 4.81 -35.25
CA ALA A 235 10.44 3.89 -35.71
C ALA A 235 9.18 4.08 -34.89
N THR A 236 9.36 4.45 -33.63
CA THR A 236 8.24 4.66 -32.73
C THR A 236 7.09 5.36 -33.43
N ALA A 237 7.41 6.43 -34.16
CA ALA A 237 6.39 7.21 -34.88
C ALA A 237 5.67 6.38 -35.93
N ASP A 238 6.43 5.58 -36.68
CA ASP A 238 5.89 4.73 -37.74
C ASP A 238 4.98 3.69 -37.12
N ALA A 239 5.43 3.11 -36.01
CA ALA A 239 4.68 2.09 -35.30
C ALA A 239 3.34 2.64 -34.84
N ALA A 240 3.37 3.84 -34.28
CA ALA A 240 2.14 4.49 -33.81
C ALA A 240 1.17 4.68 -34.96
N LYS A 241 1.72 5.10 -36.10
CA LYS A 241 0.93 5.33 -37.31
C LYS A 241 0.20 4.06 -37.71
N MET A 242 0.94 2.97 -37.84
CA MET A 242 0.38 1.70 -38.24
C MET A 242 -0.69 1.26 -37.26
N ALA A 243 -0.42 1.46 -35.98
CA ALA A 243 -1.35 1.08 -34.91
C ALA A 243 -2.63 1.90 -35.05
N ILE A 244 -2.47 3.22 -35.18
CA ILE A 244 -3.62 4.11 -35.34
C ILE A 244 -4.46 3.61 -36.52
N LYS A 245 -3.79 3.27 -37.61
CA LYS A 245 -4.44 2.77 -38.82
C LYS A 245 -5.20 1.49 -38.58
N ALA A 246 -4.55 0.53 -37.94
CA ALA A 246 -5.15 -0.76 -37.64
C ALA A 246 -6.40 -0.65 -36.75
N VAL A 247 -6.32 0.22 -35.75
CA VAL A 247 -7.44 0.43 -34.82
C VAL A 247 -8.57 1.12 -35.55
N ARG A 248 -8.21 1.98 -36.50
CA ARG A 248 -9.20 2.69 -37.29
C ARG A 248 -9.84 1.76 -38.32
N ALA A 249 -9.09 0.75 -38.75
CA ALA A 249 -9.60 -0.21 -39.69
C ALA A 249 -10.63 -1.06 -38.95
N SER A 250 -10.45 -1.20 -37.65
CA SER A 250 -11.38 -1.98 -36.82
C SER A 250 -12.66 -1.22 -36.59
N GLY A 251 -12.63 0.09 -36.84
CA GLY A 251 -13.79 0.90 -36.66
C GLY A 251 -13.93 1.39 -35.23
N ARG A 252 -12.80 1.55 -34.55
CA ARG A 252 -12.78 2.00 -33.16
C ARG A 252 -12.02 3.31 -33.01
N ARG A 253 -12.38 4.06 -31.97
CA ARG A 253 -11.72 5.33 -31.70
C ARG A 253 -10.33 5.11 -31.11
N ILE A 254 -9.57 6.18 -31.02
CA ILE A 254 -8.21 6.11 -30.52
C ILE A 254 -7.87 7.17 -29.47
N VAL A 255 -6.99 6.79 -28.56
CA VAL A 255 -6.49 7.67 -27.52
C VAL A 255 -4.99 7.43 -27.62
N LEU A 256 -4.27 8.40 -28.14
CA LEU A 256 -2.83 8.29 -28.32
C LEU A 256 -2.06 9.03 -27.24
N SER A 257 -0.84 8.60 -26.97
CA SER A 257 0.00 9.25 -25.98
C SER A 257 1.22 9.85 -26.65
N ARG A 258 1.52 11.11 -26.34
CA ARG A 258 2.69 11.76 -26.91
C ARG A 258 3.95 10.99 -26.57
N GLY A 259 4.06 10.62 -25.29
CA GLY A 259 5.21 9.87 -24.83
C GLY A 259 6.48 10.68 -25.02
N TRP A 260 7.61 10.00 -25.03
CA TRP A 260 8.91 10.65 -25.19
C TRP A 260 9.22 10.92 -26.67
N ALA A 261 8.57 10.19 -27.57
CA ALA A 261 8.79 10.37 -29.00
C ALA A 261 8.03 11.59 -29.52
N ASP A 262 7.22 12.21 -28.67
CA ASP A 262 6.44 13.39 -29.04
C ASP A 262 5.46 13.17 -30.17
N LEU A 263 4.89 11.98 -30.23
CA LEU A 263 3.94 11.64 -31.28
C LEU A 263 2.86 12.69 -31.43
N VAL A 264 2.09 12.59 -32.52
CA VAL A 264 0.99 13.51 -32.80
C VAL A 264 -0.03 12.76 -33.65
N LEU A 265 -1.29 13.19 -33.58
CA LEU A 265 -2.33 12.57 -34.39
C LEU A 265 -2.10 13.01 -35.83
N PRO A 266 -2.69 12.31 -36.79
CA PRO A 266 -2.47 12.75 -38.17
C PRO A 266 -3.70 13.43 -38.77
N ASP A 267 -4.81 13.41 -38.03
CA ASP A 267 -6.06 13.99 -38.51
C ASP A 267 -6.81 14.82 -37.47
N ASP A 268 -7.53 15.83 -37.95
CA ASP A 268 -8.32 16.65 -37.05
C ASP A 268 -9.51 15.79 -36.63
N GLY A 269 -9.51 14.53 -37.08
CA GLY A 269 -10.59 13.60 -36.77
C GLY A 269 -11.11 13.55 -35.34
N ALA A 270 -12.42 13.38 -35.20
CA ALA A 270 -13.05 13.34 -33.88
C ALA A 270 -12.97 11.96 -33.24
N ASP A 271 -12.40 11.00 -33.98
CA ASP A 271 -12.29 9.63 -33.50
C ASP A 271 -10.98 9.40 -32.75
N CYS A 272 -10.14 10.43 -32.66
CA CYS A 272 -8.85 10.35 -31.96
C CYS A 272 -8.70 11.38 -30.85
N PHE A 273 -7.64 11.23 -30.05
CA PHE A 273 -7.37 12.13 -28.93
C PHE A 273 -5.95 11.91 -28.44
N VAL A 274 -5.15 12.97 -28.38
CA VAL A 274 -3.77 12.85 -27.89
C VAL A 274 -3.72 13.31 -26.44
N VAL A 275 -2.91 12.63 -25.64
CA VAL A 275 -2.76 13.00 -24.24
C VAL A 275 -1.30 13.09 -23.82
N GLY A 276 -1.03 13.98 -22.88
CA GLY A 276 0.31 14.15 -22.35
C GLY A 276 0.32 13.33 -21.08
N GLU A 277 0.76 13.93 -19.98
CA GLU A 277 0.78 13.20 -18.71
C GLU A 277 -0.65 12.84 -18.33
N VAL A 278 -0.94 11.54 -18.24
CA VAL A 278 -2.26 11.11 -17.85
C VAL A 278 -2.15 9.96 -16.87
N ASN A 279 -3.24 9.72 -16.15
CA ASN A 279 -3.35 8.66 -15.18
C ASN A 279 -3.65 7.38 -15.97
N LEU A 280 -2.60 6.68 -16.40
CA LEU A 280 -2.77 5.44 -17.16
C LEU A 280 -3.69 4.45 -16.44
N GLN A 281 -3.46 4.24 -15.15
CA GLN A 281 -4.30 3.33 -14.37
C GLN A 281 -5.75 3.65 -14.61
N GLU A 282 -6.07 4.94 -14.52
CA GLU A 282 -7.42 5.44 -14.70
C GLU A 282 -7.91 5.24 -16.14
N LEU A 283 -7.05 5.55 -17.11
CA LEU A 283 -7.39 5.42 -18.52
C LEU A 283 -7.54 3.96 -19.00
N PHE A 284 -6.63 3.09 -18.56
CA PHE A 284 -6.68 1.69 -18.94
C PHE A 284 -7.99 1.05 -18.53
N GLY A 285 -8.61 1.60 -17.50
CA GLY A 285 -9.86 1.04 -17.04
C GLY A 285 -11.02 1.65 -17.82
N ARG A 286 -10.70 2.33 -18.92
CA ARG A 286 -11.73 2.97 -19.71
C ARG A 286 -11.49 2.88 -21.21
N VAL A 287 -10.72 1.87 -21.60
CA VAL A 287 -10.41 1.62 -23.00
C VAL A 287 -10.65 0.15 -23.31
N ALA A 288 -10.76 -0.18 -24.60
CA ALA A 288 -11.01 -1.54 -25.05
C ALA A 288 -9.80 -2.46 -24.88
N ALA A 289 -8.63 -1.91 -25.17
CA ALA A 289 -7.39 -2.65 -25.06
C ALA A 289 -6.29 -1.63 -25.22
N ALA A 290 -5.05 -2.09 -25.18
CA ALA A 290 -3.91 -1.18 -25.32
C ALA A 290 -2.82 -1.74 -26.22
N ILE A 291 -2.35 -0.91 -27.14
CA ILE A 291 -1.28 -1.27 -28.04
C ILE A 291 -0.08 -0.50 -27.54
N HIS A 292 1.01 -1.20 -27.23
CA HIS A 292 2.19 -0.51 -26.71
C HIS A 292 3.49 -1.30 -26.80
N HIS A 293 4.54 -0.67 -26.28
CA HIS A 293 5.88 -1.24 -26.29
C HIS A 293 6.10 -2.36 -25.28
N ASP A 294 7.15 -3.13 -25.53
CA ASP A 294 7.55 -4.26 -24.69
C ASP A 294 8.20 -3.61 -23.47
N SER A 295 7.38 -3.27 -22.49
CA SER A 295 7.87 -2.62 -21.28
C SER A 295 7.28 -3.22 -20.01
N ALA A 296 8.01 -3.08 -18.90
CA ALA A 296 7.56 -3.62 -17.63
C ALA A 296 6.33 -2.93 -17.04
N GLY A 297 6.47 -1.64 -16.72
CA GLY A 297 5.38 -0.90 -16.12
C GLY A 297 4.04 -0.82 -16.79
N THR A 298 4.03 -0.58 -18.10
CA THR A 298 2.79 -0.47 -18.84
C THR A 298 2.08 -1.82 -18.99
N THR A 299 2.87 -2.85 -19.24
CA THR A 299 2.31 -4.19 -19.39
C THR A 299 1.60 -4.62 -18.11
N LEU A 300 2.23 -4.37 -16.97
CA LEU A 300 1.62 -4.76 -15.71
C LEU A 300 0.39 -3.94 -15.39
N LEU A 301 0.47 -2.64 -15.60
CA LEU A 301 -0.67 -1.78 -15.30
C LEU A 301 -1.89 -2.16 -16.12
N ALA A 302 -1.68 -2.57 -17.36
CA ALA A 302 -2.78 -2.96 -18.23
C ALA A 302 -3.29 -4.34 -17.83
N MET A 303 -2.44 -5.07 -17.12
CA MET A 303 -2.80 -6.39 -16.67
C MET A 303 -3.66 -6.28 -15.42
N ARG A 304 -3.30 -5.36 -14.52
CA ARG A 304 -4.12 -5.19 -13.34
C ARG A 304 -5.35 -4.39 -13.75
N ALA A 305 -5.30 -3.84 -14.96
CA ALA A 305 -6.40 -3.06 -15.51
C ALA A 305 -7.45 -4.03 -16.04
N GLY A 306 -7.00 -5.23 -16.38
CA GLY A 306 -7.90 -6.26 -16.88
C GLY A 306 -8.27 -6.16 -18.35
N ILE A 307 -7.55 -5.35 -19.11
CA ILE A 307 -7.84 -5.18 -20.54
C ILE A 307 -6.78 -5.90 -21.36
N PRO A 308 -7.18 -6.50 -22.50
CA PRO A 308 -6.23 -7.22 -23.37
C PRO A 308 -5.11 -6.34 -23.87
N GLN A 309 -4.05 -6.96 -24.41
CA GLN A 309 -2.91 -6.18 -24.89
C GLN A 309 -2.27 -6.65 -26.19
N ILE A 310 -1.66 -5.70 -26.90
CA ILE A 310 -0.95 -5.98 -28.14
C ILE A 310 0.42 -5.36 -27.90
N VAL A 311 1.42 -6.20 -27.73
CA VAL A 311 2.76 -5.71 -27.46
C VAL A 311 3.65 -5.84 -28.68
N VAL A 312 4.32 -4.74 -29.01
CA VAL A 312 5.21 -4.69 -30.15
C VAL A 312 6.62 -5.14 -29.80
N ARG A 313 6.99 -6.29 -30.33
CA ARG A 313 8.30 -6.88 -30.14
C ARG A 313 9.28 -5.83 -30.66
N ARG A 314 10.37 -5.59 -29.94
CA ARG A 314 11.34 -4.58 -30.40
C ARG A 314 11.93 -4.97 -31.75
N VAL A 315 12.14 -6.28 -31.94
CA VAL A 315 12.68 -6.84 -33.18
C VAL A 315 12.09 -8.23 -33.39
N VAL A 316 12.67 -9.01 -34.31
CA VAL A 316 12.18 -10.35 -34.57
C VAL A 316 12.60 -11.26 -33.40
N ASP A 317 11.67 -12.10 -32.95
CA ASP A 317 11.97 -13.01 -31.83
C ASP A 317 12.98 -14.09 -32.24
N ASN A 318 14.26 -13.81 -32.00
CA ASN A 318 15.35 -14.74 -32.37
C ASN A 318 15.91 -15.55 -31.18
N VAL A 319 16.75 -16.53 -31.50
CA VAL A 319 17.36 -17.39 -30.47
C VAL A 319 18.24 -16.60 -29.49
N VAL A 320 18.74 -15.45 -29.93
CA VAL A 320 19.62 -14.60 -29.09
C VAL A 320 18.95 -13.39 -28.41
N GLU A 321 17.61 -13.33 -28.44
CA GLU A 321 16.85 -12.22 -27.80
C GLU A 321 15.35 -12.29 -28.09
N GLN A 322 14.55 -12.31 -27.03
CA GLN A 322 13.09 -12.38 -27.18
C GLN A 322 12.44 -11.28 -26.33
N ALA A 323 11.33 -10.71 -26.84
CA ALA A 323 10.61 -9.67 -26.12
C ALA A 323 9.94 -10.31 -24.92
N TYR A 324 10.58 -10.16 -23.76
CA TYR A 324 10.11 -10.74 -22.52
C TYR A 324 8.62 -10.52 -22.24
N HIS A 325 8.24 -9.26 -21.98
CA HIS A 325 6.86 -8.95 -21.66
C HIS A 325 5.89 -9.28 -22.78
N ALA A 326 6.27 -8.92 -24.00
CA ALA A 326 5.45 -9.21 -25.16
C ALA A 326 5.10 -10.68 -25.13
N ASP A 327 6.14 -11.52 -25.13
CA ASP A 327 5.94 -12.97 -25.12
C ASP A 327 5.15 -13.42 -23.92
N ARG A 328 5.49 -12.90 -22.76
CA ARG A 328 4.80 -13.23 -21.51
C ARG A 328 3.29 -13.06 -21.61
N VAL A 329 2.86 -11.98 -22.25
CA VAL A 329 1.43 -11.67 -22.44
C VAL A 329 0.77 -12.71 -23.33
N ALA A 330 1.53 -13.16 -24.32
CA ALA A 330 1.05 -14.17 -25.25
C ALA A 330 0.90 -15.50 -24.52
N GLU A 331 1.95 -15.85 -23.78
CA GLU A 331 1.99 -17.09 -23.00
C GLU A 331 0.89 -17.13 -21.95
N LEU A 332 0.56 -15.96 -21.40
CA LEU A 332 -0.48 -15.85 -20.38
C LEU A 332 -1.83 -15.81 -21.05
N GLY A 333 -1.83 -15.53 -22.35
CA GLY A 333 -3.07 -15.48 -23.10
C GLY A 333 -3.90 -14.24 -22.81
N VAL A 334 -3.24 -13.13 -22.48
CA VAL A 334 -3.96 -11.90 -22.22
C VAL A 334 -3.78 -10.88 -23.35
N GLY A 335 -3.06 -11.29 -24.38
CA GLY A 335 -2.85 -10.41 -25.50
C GLY A 335 -2.11 -11.07 -26.64
N VAL A 336 -1.71 -10.25 -27.61
CA VAL A 336 -1.01 -10.71 -28.80
C VAL A 336 0.29 -9.93 -28.89
N ALA A 337 1.34 -10.58 -29.38
CA ALA A 337 2.63 -9.92 -29.54
C ALA A 337 2.87 -9.79 -31.03
N VAL A 338 3.23 -8.61 -31.48
CA VAL A 338 3.49 -8.41 -32.90
C VAL A 338 4.94 -7.97 -33.07
N ASP A 339 5.57 -8.46 -34.13
CA ASP A 339 6.96 -8.12 -34.39
C ASP A 339 7.09 -6.69 -34.91
N GLY A 340 8.24 -6.08 -34.68
CA GLY A 340 8.47 -4.72 -35.13
C GLY A 340 9.79 -4.64 -35.84
N PRO A 341 10.47 -3.48 -35.81
CA PRO A 341 10.06 -2.21 -35.17
C PRO A 341 8.76 -1.63 -35.67
N VAL A 342 8.45 -1.83 -36.95
CA VAL A 342 7.22 -1.30 -37.52
C VAL A 342 6.28 -2.40 -38.00
N PRO A 343 5.42 -2.88 -37.12
CA PRO A 343 4.49 -3.95 -37.51
C PRO A 343 3.60 -3.60 -38.69
N THR A 344 3.22 -4.61 -39.46
CA THR A 344 2.36 -4.41 -40.61
C THR A 344 1.00 -4.01 -40.08
N ILE A 345 0.18 -3.41 -40.93
CA ILE A 345 -1.16 -3.01 -40.49
C ILE A 345 -1.99 -4.29 -40.34
N ASP A 346 -1.68 -5.27 -41.18
CA ASP A 346 -2.39 -6.54 -41.13
C ASP A 346 -2.16 -7.23 -39.79
N SER A 347 -0.89 -7.34 -39.39
CA SER A 347 -0.54 -8.00 -38.13
C SER A 347 -1.28 -7.33 -36.98
N LEU A 348 -1.28 -6.00 -36.96
CA LEU A 348 -1.96 -5.26 -35.89
C LEU A 348 -3.48 -5.37 -35.95
N SER A 349 -4.04 -5.44 -37.15
CA SER A 349 -5.49 -5.56 -37.29
C SER A 349 -5.87 -6.96 -36.83
N ALA A 350 -5.05 -7.93 -37.19
CA ALA A 350 -5.31 -9.31 -36.80
C ALA A 350 -5.17 -9.42 -35.29
N ALA A 351 -4.02 -8.98 -34.78
CA ALA A 351 -3.72 -9.00 -33.36
C ALA A 351 -4.84 -8.33 -32.60
N LEU A 352 -5.27 -7.18 -33.10
CA LEU A 352 -6.35 -6.45 -32.45
C LEU A 352 -7.64 -7.27 -32.42
N ASP A 353 -7.97 -7.93 -33.53
CA ASP A 353 -9.18 -8.74 -33.62
C ASP A 353 -9.15 -9.97 -32.73
N THR A 354 -7.96 -10.54 -32.55
CA THR A 354 -7.75 -11.70 -31.70
C THR A 354 -7.96 -11.25 -30.25
N ALA A 355 -7.28 -10.17 -29.90
CA ALA A 355 -7.30 -9.60 -28.55
C ALA A 355 -8.69 -9.30 -28.03
N LEU A 356 -9.49 -8.61 -28.83
CA LEU A 356 -10.82 -8.26 -28.40
C LEU A 356 -11.79 -9.43 -28.53
N ALA A 357 -11.25 -10.63 -28.67
CA ALA A 357 -12.05 -11.84 -28.79
C ALA A 357 -12.27 -12.45 -27.39
N PRO A 358 -13.50 -12.92 -27.13
CA PRO A 358 -13.89 -13.52 -25.86
C PRO A 358 -12.77 -14.27 -25.12
N GLU A 359 -12.10 -15.19 -25.80
CA GLU A 359 -11.04 -15.96 -25.15
C GLU A 359 -10.07 -15.08 -24.36
N ILE A 360 -9.56 -14.03 -25.01
CA ILE A 360 -8.62 -13.13 -24.35
C ILE A 360 -9.32 -12.07 -23.48
N ARG A 361 -10.43 -11.54 -23.95
CA ARG A 361 -11.14 -10.53 -23.18
C ARG A 361 -11.64 -11.16 -21.87
N ALA A 362 -11.23 -12.40 -21.63
CA ALA A 362 -11.64 -13.10 -20.41
C ALA A 362 -10.40 -13.48 -19.59
N ARG A 363 -9.43 -14.14 -20.22
CA ARG A 363 -8.22 -14.52 -19.50
C ARG A 363 -7.62 -13.26 -18.90
N ALA A 364 -7.86 -12.13 -19.56
CA ALA A 364 -7.34 -10.86 -19.09
C ALA A 364 -8.11 -10.35 -17.87
N THR A 365 -9.44 -10.40 -17.93
CA THR A 365 -10.26 -9.92 -16.83
C THR A 365 -10.08 -10.77 -15.58
N THR A 366 -9.69 -12.03 -15.81
CA THR A 366 -9.48 -12.97 -14.72
C THR A 366 -8.07 -12.81 -14.15
N VAL A 367 -7.06 -12.80 -15.01
CA VAL A 367 -5.69 -12.63 -14.56
C VAL A 367 -5.52 -11.32 -13.78
N ALA A 368 -6.35 -10.34 -14.09
CA ALA A 368 -6.28 -9.04 -13.44
C ALA A 368 -6.30 -9.11 -11.92
N ASP A 369 -7.01 -10.09 -11.39
CA ASP A 369 -7.13 -10.24 -9.93
C ASP A 369 -6.05 -11.07 -9.25
N THR A 370 -5.16 -11.65 -10.04
CA THR A 370 -4.09 -12.44 -9.47
C THR A 370 -2.87 -11.55 -9.30
N ILE A 371 -3.00 -10.29 -9.68
CA ILE A 371 -1.90 -9.32 -9.57
C ILE A 371 -1.71 -8.78 -8.14
N ARG A 372 -0.47 -8.81 -7.67
CA ARG A 372 -0.11 -8.34 -6.33
C ARG A 372 -0.26 -6.82 -6.21
N ALA A 373 -0.94 -6.37 -5.16
CA ALA A 373 -1.15 -4.94 -4.94
C ALA A 373 -0.34 -4.40 -3.74
N ASP A 374 0.58 -5.21 -3.21
CA ASP A 374 1.37 -4.79 -2.05
C ASP A 374 2.89 -4.75 -2.22
N GLY A 375 3.35 -4.69 -3.47
CA GLY A 375 4.79 -4.67 -3.73
C GLY A 375 5.57 -3.61 -2.98
N THR A 376 5.03 -2.40 -2.90
CA THR A 376 5.72 -1.31 -2.21
C THR A 376 5.83 -1.56 -0.72
N THR A 377 4.81 -2.20 -0.16
CA THR A 377 4.78 -2.53 1.27
C THR A 377 5.81 -3.62 1.60
N VAL A 378 5.88 -4.64 0.74
CA VAL A 378 6.83 -5.74 0.95
C VAL A 378 8.26 -5.23 0.92
N ALA A 379 8.53 -4.28 0.03
CA ALA A 379 9.86 -3.70 -0.09
C ALA A 379 10.18 -2.88 1.15
N ALA A 380 9.17 -2.16 1.64
CA ALA A 380 9.32 -1.32 2.83
C ALA A 380 9.66 -2.13 4.06
N GLN A 381 8.94 -3.23 4.25
CA GLN A 381 9.16 -4.11 5.39
C GLN A 381 10.53 -4.77 5.26
N LEU A 382 10.89 -5.15 4.04
CA LEU A 382 12.20 -5.75 3.81
C LEU A 382 13.28 -4.74 4.15
N LEU A 383 12.95 -3.46 3.97
CA LEU A 383 13.89 -2.37 4.29
C LEU A 383 13.99 -2.21 5.80
N PHE A 384 12.86 -2.27 6.47
CA PHE A 384 12.82 -2.14 7.91
C PHE A 384 13.71 -3.22 8.53
N ASP A 385 13.59 -4.44 8.03
CA ASP A 385 14.39 -5.57 8.53
C ASP A 385 15.87 -5.36 8.33
N ALA A 386 16.24 -4.89 7.15
CA ALA A 386 17.64 -4.64 6.84
C ALA A 386 18.25 -3.72 7.91
N VAL A 387 17.71 -2.52 8.01
CA VAL A 387 18.18 -1.52 8.96
C VAL A 387 18.30 -2.07 10.37
N SER A 388 17.31 -2.83 10.80
CA SER A 388 17.32 -3.41 12.13
C SER A 388 18.45 -4.41 12.29
N LEU A 389 18.59 -5.32 11.34
CA LEU A 389 19.66 -6.31 11.42
C LEU A 389 21.08 -5.75 11.23
N GLU A 390 21.57 -5.65 9.99
CA GLU A 390 22.94 -5.16 9.73
C GLU A 390 23.42 -3.80 10.27
N LYS A 391 22.51 -2.95 10.74
CA LYS A 391 22.91 -1.64 11.28
C LYS A 391 22.70 -1.57 12.81
N MET B 1 -26.07 -12.21 -2.29
CA MET B 1 -26.58 -10.80 -2.18
C MET B 1 -25.46 -9.78 -2.26
N ARG B 2 -25.80 -8.51 -2.07
CA ARG B 2 -24.81 -7.45 -2.14
C ARG B 2 -24.96 -6.50 -0.98
N VAL B 3 -23.88 -6.30 -0.26
CA VAL B 3 -23.89 -5.41 0.91
C VAL B 3 -22.97 -4.22 0.78
N LEU B 4 -23.45 -3.08 1.24
CA LEU B 4 -22.67 -1.85 1.22
C LEU B 4 -22.15 -1.62 2.62
N ILE B 5 -20.83 -1.59 2.76
CA ILE B 5 -20.23 -1.36 4.05
C ILE B 5 -19.62 0.04 4.02
N THR B 6 -20.07 0.90 4.91
CA THR B 6 -19.55 2.27 4.91
C THR B 6 -18.98 2.69 6.25
N GLY B 7 -18.29 3.81 6.24
CA GLY B 7 -17.70 4.32 7.45
C GLY B 7 -16.67 5.39 7.17
N CYS B 8 -16.56 6.31 8.12
CA CYS B 8 -15.58 7.38 8.04
C CYS B 8 -14.96 7.51 9.43
N GLY B 9 -13.66 7.29 9.52
CA GLY B 9 -12.97 7.37 10.79
C GLY B 9 -11.62 6.73 10.65
N SER B 10 -10.90 6.58 11.76
CA SER B 10 -9.56 6.00 11.75
C SER B 10 -9.45 4.51 11.43
N ARG B 11 -8.23 4.00 11.58
CA ARG B 11 -7.91 2.60 11.31
C ARG B 11 -8.67 1.66 12.23
N GLY B 12 -8.86 2.08 13.48
CA GLY B 12 -9.56 1.25 14.44
C GLY B 12 -11.05 1.11 14.14
N ASP B 13 -11.65 2.13 13.55
CA ASP B 13 -13.06 2.09 13.19
C ASP B 13 -13.23 1.38 11.85
N THR B 14 -12.22 1.54 10.99
CA THR B 14 -12.26 0.99 9.65
C THR B 14 -11.82 -0.47 9.45
N GLU B 15 -10.76 -0.88 10.14
CA GLU B 15 -10.27 -2.26 10.00
C GLU B 15 -11.33 -3.34 10.14
N PRO B 16 -12.25 -3.19 11.12
CA PRO B 16 -13.32 -4.17 11.35
C PRO B 16 -14.24 -4.28 10.13
N LEU B 17 -14.47 -3.14 9.50
CA LEU B 17 -15.31 -3.05 8.32
C LEU B 17 -14.72 -3.81 7.16
N VAL B 18 -13.42 -3.64 6.97
CA VAL B 18 -12.70 -4.31 5.91
C VAL B 18 -12.68 -5.82 6.16
N ALA B 19 -12.64 -6.19 7.43
CA ALA B 19 -12.62 -7.59 7.82
C ALA B 19 -13.98 -8.26 7.56
N LEU B 20 -15.06 -7.52 7.73
CA LEU B 20 -16.39 -8.05 7.49
C LEU B 20 -16.60 -8.18 5.99
N ALA B 21 -16.15 -7.18 5.25
CA ALA B 21 -16.27 -7.16 3.80
C ALA B 21 -15.54 -8.35 3.17
N ALA B 22 -14.30 -8.58 3.60
CA ALA B 22 -13.49 -9.68 3.10
C ALA B 22 -14.15 -11.01 3.43
N ARG B 23 -14.79 -11.07 4.58
CA ARG B 23 -15.46 -12.29 5.03
C ARG B 23 -16.69 -12.57 4.16
N LEU B 24 -17.42 -11.50 3.85
CA LEU B 24 -18.63 -11.59 3.02
C LEU B 24 -18.28 -12.09 1.61
N ARG B 25 -17.22 -11.53 1.04
CA ARG B 25 -16.79 -11.93 -0.30
C ARG B 25 -16.37 -13.39 -0.18
N GLU B 26 -15.55 -13.66 0.81
CA GLU B 26 -15.06 -15.01 1.06
C GLU B 26 -16.21 -16.00 1.20
N LEU B 27 -17.41 -15.48 1.44
CA LEU B 27 -18.61 -16.31 1.60
C LEU B 27 -19.50 -16.17 0.39
N GLY B 28 -18.98 -15.54 -0.66
CA GLY B 28 -19.76 -15.38 -1.87
C GLY B 28 -20.84 -14.32 -1.86
N ALA B 29 -20.57 -13.20 -1.19
CA ALA B 29 -21.53 -12.10 -1.15
C ALA B 29 -20.82 -10.92 -1.78
N ASP B 30 -21.53 -10.09 -2.52
CA ASP B 30 -20.89 -8.95 -3.16
C ASP B 30 -20.95 -7.74 -2.26
N ALA B 31 -19.89 -7.56 -1.48
CA ALA B 31 -19.81 -6.43 -0.58
C ALA B 31 -18.79 -5.44 -1.08
N ARG B 32 -19.17 -4.18 -1.08
CA ARG B 32 -18.27 -3.12 -1.49
C ARG B 32 -18.39 -2.03 -0.45
N MET B 33 -17.40 -1.15 -0.39
CA MET B 33 -17.40 -0.12 0.63
C MET B 33 -17.31 1.32 0.19
N CYS B 34 -17.64 2.21 1.13
CA CYS B 34 -17.57 3.65 0.93
C CYS B 34 -16.71 4.13 2.10
N LEU B 35 -15.43 4.32 1.83
CA LEU B 35 -14.48 4.76 2.85
C LEU B 35 -13.68 5.97 2.40
N PRO B 36 -13.16 6.74 3.36
CA PRO B 36 -12.37 7.91 3.00
C PRO B 36 -11.24 7.47 2.05
N PRO B 37 -10.78 8.37 1.18
CA PRO B 37 -9.71 8.08 0.22
C PRO B 37 -8.47 7.35 0.73
N ASP B 38 -8.02 7.65 1.94
CA ASP B 38 -6.83 7.01 2.44
C ASP B 38 -6.90 5.49 2.66
N TYR B 39 -8.06 4.88 2.40
CA TYR B 39 -8.16 3.43 2.60
C TYR B 39 -8.11 2.64 1.30
N VAL B 40 -7.61 3.30 0.25
CA VAL B 40 -7.48 2.70 -1.08
C VAL B 40 -6.51 1.54 -1.14
N GLU B 41 -5.26 1.76 -0.76
CA GLU B 41 -4.28 0.68 -0.81
C GLU B 41 -4.54 -0.43 0.18
N ARG B 42 -5.36 -0.17 1.19
CA ARG B 42 -5.67 -1.20 2.17
C ARG B 42 -6.71 -2.12 1.53
N CYS B 43 -7.71 -1.52 0.89
CA CYS B 43 -8.76 -2.29 0.24
C CYS B 43 -8.19 -3.03 -0.94
N ALA B 44 -7.13 -2.48 -1.51
CA ALA B 44 -6.48 -3.09 -2.65
C ALA B 44 -5.78 -4.38 -2.22
N GLU B 45 -5.02 -4.29 -1.12
CA GLU B 45 -4.29 -5.42 -0.58
C GLU B 45 -5.18 -6.56 -0.11
N VAL B 46 -6.42 -6.23 0.25
CA VAL B 46 -7.37 -7.22 0.72
C VAL B 46 -8.31 -7.67 -0.41
N GLY B 47 -8.39 -6.87 -1.46
CA GLY B 47 -9.22 -7.23 -2.59
C GLY B 47 -10.69 -6.90 -2.44
N VAL B 48 -10.97 -5.77 -1.82
CA VAL B 48 -12.35 -5.38 -1.63
C VAL B 48 -12.66 -4.12 -2.40
N PRO B 49 -13.65 -4.20 -3.31
CA PRO B 49 -14.05 -3.05 -4.12
C PRO B 49 -14.47 -1.91 -3.18
N MET B 50 -13.67 -0.86 -3.16
CA MET B 50 -13.93 0.28 -2.29
C MET B 50 -14.04 1.60 -3.05
N VAL B 51 -15.14 2.32 -2.83
CA VAL B 51 -15.34 3.61 -3.47
C VAL B 51 -15.12 4.72 -2.44
N PRO B 52 -14.13 5.60 -2.69
CA PRO B 52 -13.76 6.72 -1.81
C PRO B 52 -14.77 7.87 -1.75
N VAL B 53 -15.05 8.34 -0.54
CA VAL B 53 -15.98 9.43 -0.33
C VAL B 53 -15.42 10.41 0.68
N GLY B 54 -15.59 11.70 0.40
CA GLY B 54 -15.12 12.74 1.31
C GLY B 54 -13.63 12.96 1.44
N ARG B 55 -13.27 13.70 2.48
CA ARG B 55 -11.89 14.03 2.78
C ARG B 55 -11.15 12.86 3.40
N ALA B 56 -9.83 12.90 3.33
CA ALA B 56 -9.00 11.82 3.89
C ALA B 56 -8.94 11.97 5.40
N VAL B 57 -8.95 10.84 6.09
CA VAL B 57 -8.87 10.88 7.55
C VAL B 57 -7.47 11.18 8.04
N ARG B 58 -6.46 10.68 7.31
CA ARG B 58 -5.07 10.91 7.70
C ARG B 58 -4.60 12.32 7.31
N ALA B 59 -4.30 13.15 8.30
CA ALA B 59 -3.85 14.52 8.06
C ALA B 59 -2.80 14.57 6.95
N GLY B 60 -1.79 13.71 7.05
CA GLY B 60 -0.73 13.66 6.05
C GLY B 60 -1.22 13.52 4.62
N ALA B 61 -2.37 12.86 4.45
CA ALA B 61 -2.95 12.64 3.13
C ALA B 61 -3.85 13.80 2.67
N ARG B 62 -3.89 14.88 3.44
CA ARG B 62 -4.72 16.03 3.07
C ARG B 62 -3.88 17.22 2.61
N GLU B 63 -4.52 18.10 1.86
CA GLU B 63 -3.86 19.31 1.35
C GLU B 63 -3.55 20.27 2.50
N PRO B 64 -2.50 21.09 2.34
CA PRO B 64 -2.04 22.09 3.32
C PRO B 64 -2.96 22.45 4.50
N GLY B 65 -4.01 23.21 4.22
CA GLY B 65 -4.91 23.59 5.30
C GLY B 65 -6.22 22.83 5.30
N GLU B 66 -6.31 21.80 4.46
CA GLU B 66 -7.53 20.99 4.37
C GLU B 66 -7.88 20.39 5.72
N LEU B 67 -9.08 20.70 6.20
CA LEU B 67 -9.53 20.20 7.49
C LEU B 67 -9.99 18.75 7.37
N PRO B 68 -9.97 18.00 8.48
CA PRO B 68 -10.37 16.60 8.48
C PRO B 68 -11.90 16.43 8.48
N PRO B 69 -12.38 15.27 8.02
CA PRO B 69 -13.81 14.96 7.96
C PRO B 69 -14.57 15.19 9.26
N GLY B 70 -13.85 15.35 10.36
CA GLY B 70 -14.50 15.56 11.63
C GLY B 70 -14.62 17.00 12.05
N ALA B 71 -13.94 17.89 11.33
CA ALA B 71 -13.98 19.32 11.62
C ALA B 71 -15.40 19.84 11.59
N ALA B 72 -15.78 20.59 12.63
CA ALA B 72 -17.13 21.14 12.71
C ALA B 72 -17.38 22.03 11.52
N GLU B 73 -16.36 22.80 11.15
CA GLU B 73 -16.45 23.72 10.03
C GLU B 73 -16.77 23.05 8.70
N VAL B 74 -17.00 21.74 8.68
CA VAL B 74 -17.28 21.08 7.40
C VAL B 74 -18.41 20.06 7.39
N VAL B 75 -19.18 19.99 8.48
CA VAL B 75 -20.30 19.04 8.55
C VAL B 75 -21.19 19.09 7.31
N THR B 76 -21.65 20.30 7.00
CA THR B 76 -22.51 20.55 5.84
C THR B 76 -21.90 19.96 4.58
N GLU B 77 -20.62 20.22 4.37
CA GLU B 77 -19.91 19.72 3.21
C GLU B 77 -19.88 18.20 3.26
N VAL B 78 -19.74 17.66 4.46
CA VAL B 78 -19.69 16.22 4.67
C VAL B 78 -21.02 15.57 4.27
N VAL B 79 -22.12 16.08 4.82
CA VAL B 79 -23.45 15.54 4.51
C VAL B 79 -23.73 15.62 3.02
N ALA B 80 -23.42 16.77 2.43
CA ALA B 80 -23.64 16.94 1.01
C ALA B 80 -22.91 15.86 0.26
N GLU B 81 -21.60 15.78 0.46
CA GLU B 81 -20.76 14.79 -0.20
C GLU B 81 -21.34 13.38 -0.22
N TRP B 82 -21.67 12.86 0.97
CA TRP B 82 -22.21 11.52 1.11
C TRP B 82 -23.54 11.29 0.40
N PHE B 83 -24.51 12.15 0.67
CA PHE B 83 -25.81 12.03 0.01
C PHE B 83 -25.59 12.00 -1.49
N ASP B 84 -24.54 12.70 -1.91
CA ASP B 84 -24.19 12.80 -3.30
C ASP B 84 -23.47 11.57 -3.90
N LYS B 85 -22.49 11.03 -3.18
CA LYS B 85 -21.73 9.90 -3.72
C LYS B 85 -22.15 8.49 -3.27
N VAL B 86 -23.17 8.39 -2.43
CA VAL B 86 -23.60 7.07 -1.97
C VAL B 86 -24.54 6.33 -2.92
N PRO B 87 -25.49 7.05 -3.54
CA PRO B 87 -26.45 6.43 -4.47
C PRO B 87 -25.83 5.46 -5.47
N ALA B 88 -24.77 5.90 -6.14
CA ALA B 88 -24.10 5.05 -7.13
C ALA B 88 -23.39 3.86 -6.50
N ALA B 89 -23.37 3.80 -5.16
CA ALA B 89 -22.72 2.72 -4.47
C ALA B 89 -23.73 1.75 -3.88
N ILE B 90 -24.76 2.30 -3.27
CA ILE B 90 -25.81 1.49 -2.67
C ILE B 90 -26.78 0.94 -3.72
N GLU B 91 -26.53 1.26 -4.98
CA GLU B 91 -27.37 0.78 -6.07
C GLU B 91 -27.32 -0.73 -6.06
N GLY B 92 -28.49 -1.36 -6.10
CA GLY B 92 -28.55 -2.82 -6.10
C GLY B 92 -27.91 -3.48 -4.89
N CYS B 93 -28.17 -2.91 -3.71
CA CYS B 93 -27.63 -3.46 -2.47
C CYS B 93 -28.75 -3.97 -1.59
N ASP B 94 -28.55 -5.13 -0.99
CA ASP B 94 -29.56 -5.73 -0.13
C ASP B 94 -29.60 -5.19 1.30
N ALA B 95 -28.44 -4.82 1.84
CA ALA B 95 -28.36 -4.29 3.19
C ALA B 95 -27.16 -3.36 3.33
N VAL B 96 -27.13 -2.59 4.41
CA VAL B 96 -26.03 -1.65 4.65
C VAL B 96 -25.51 -1.71 6.09
N VAL B 97 -24.20 -1.82 6.23
CA VAL B 97 -23.56 -1.84 7.56
C VAL B 97 -22.62 -0.65 7.67
N THR B 98 -22.87 0.19 8.67
CA THR B 98 -22.08 1.42 8.88
C THR B 98 -21.48 1.58 10.28
N THR B 99 -20.46 2.44 10.36
CA THR B 99 -19.79 2.78 11.62
C THR B 99 -19.03 4.09 11.40
N GLY B 100 -18.65 4.76 12.48
CA GLY B 100 -17.89 6.00 12.34
C GLY B 100 -18.71 7.29 12.33
N LEU B 101 -18.09 8.36 11.81
CA LEU B 101 -18.70 9.69 11.73
C LEU B 101 -20.23 9.71 11.58
N LEU B 102 -20.89 10.38 12.52
CA LEU B 102 -22.34 10.46 12.58
C LEU B 102 -23.05 11.03 11.36
N PRO B 103 -22.74 12.27 10.98
CA PRO B 103 -23.41 12.85 9.80
C PRO B 103 -23.38 11.96 8.57
N ALA B 104 -22.26 11.28 8.33
CA ALA B 104 -22.15 10.40 7.18
C ALA B 104 -23.03 9.19 7.41
N ALA B 105 -23.18 8.80 8.67
CA ALA B 105 -24.02 7.67 9.02
C ALA B 105 -25.46 8.02 8.71
N VAL B 106 -25.87 9.19 9.18
CA VAL B 106 -27.23 9.67 8.97
C VAL B 106 -27.56 9.69 7.48
N ALA B 107 -26.62 10.20 6.69
CA ALA B 107 -26.81 10.27 5.25
C ALA B 107 -27.05 8.88 4.71
N VAL B 108 -26.15 7.97 5.07
CA VAL B 108 -26.24 6.58 4.60
C VAL B 108 -27.54 5.90 5.02
N ARG B 109 -28.00 6.14 6.25
CA ARG B 109 -29.23 5.51 6.68
C ARG B 109 -30.40 6.05 5.88
N SER B 110 -30.42 7.35 5.64
CA SER B 110 -31.46 7.98 4.86
C SER B 110 -31.60 7.27 3.52
N MET B 111 -30.47 6.91 2.93
CA MET B 111 -30.46 6.18 1.67
C MET B 111 -31.15 4.84 1.84
N ALA B 112 -30.52 3.95 2.62
CA ALA B 112 -31.08 2.63 2.86
C ALA B 112 -32.59 2.75 3.08
N GLU B 113 -33.03 3.90 3.58
CA GLU B 113 -34.45 4.15 3.83
C GLU B 113 -35.14 4.32 2.47
N LYS B 114 -34.60 5.22 1.65
CA LYS B 114 -35.17 5.46 0.33
C LYS B 114 -35.31 4.12 -0.39
N LEU B 115 -34.26 3.30 -0.36
CA LEU B 115 -34.31 2.00 -1.04
C LEU B 115 -35.11 0.94 -0.25
N GLY B 116 -35.50 1.28 0.98
CA GLY B 116 -36.25 0.33 1.80
C GLY B 116 -35.47 -0.89 2.29
N ILE B 117 -34.15 -0.84 2.14
CA ILE B 117 -33.29 -1.93 2.59
C ILE B 117 -32.86 -1.74 4.04
N PRO B 118 -32.51 -2.85 4.72
CA PRO B 118 -32.07 -2.79 6.13
C PRO B 118 -30.69 -2.16 6.35
N TYR B 119 -30.62 -1.37 7.42
CA TYR B 119 -29.40 -0.67 7.79
C TYR B 119 -29.02 -1.03 9.23
N ARG B 120 -27.73 -1.29 9.43
CA ARG B 120 -27.21 -1.66 10.74
C ARG B 120 -26.02 -0.79 11.14
N TYR B 121 -26.08 -0.19 12.32
CA TYR B 121 -24.97 0.61 12.80
C TYR B 121 -24.20 -0.25 13.80
N THR B 122 -22.89 -0.03 13.90
CA THR B 122 -22.08 -0.82 14.81
C THR B 122 -21.08 0.00 15.62
N VAL B 123 -20.90 -0.37 16.89
CA VAL B 123 -19.93 0.30 17.74
C VAL B 123 -18.88 -0.77 18.04
N LEU B 124 -17.66 -0.34 18.35
CA LEU B 124 -16.59 -1.30 18.60
C LEU B 124 -16.26 -1.59 20.06
N SER B 125 -17.00 -0.98 20.98
CA SER B 125 -16.81 -1.20 22.41
C SER B 125 -18.10 -0.90 23.15
N PRO B 126 -18.36 -1.58 24.27
CA PRO B 126 -19.59 -1.34 25.03
C PRO B 126 -19.74 0.14 25.43
N ASP B 127 -18.63 0.78 25.72
CA ASP B 127 -18.56 2.19 26.11
C ASP B 127 -19.41 3.11 25.26
N HIS B 128 -19.40 2.86 23.95
CA HIS B 128 -20.11 3.69 23.01
C HIS B 128 -21.52 3.27 22.68
N LEU B 129 -22.02 2.25 23.37
CA LEU B 129 -23.41 1.83 23.17
C LEU B 129 -24.26 2.93 23.81
N PRO B 130 -25.36 3.31 23.15
CA PRO B 130 -26.24 4.34 23.71
C PRO B 130 -26.83 3.92 25.04
N SER B 131 -26.83 2.61 25.31
CA SER B 131 -27.37 2.11 26.56
C SER B 131 -26.40 2.22 27.72
N GLU B 132 -25.21 2.75 27.44
CA GLU B 132 -24.22 2.93 28.48
C GLU B 132 -23.92 4.42 28.70
N GLN B 133 -24.72 5.25 28.02
CA GLN B 133 -24.62 6.70 28.14
C GLN B 133 -25.80 7.05 29.04
N SER B 134 -25.67 8.09 29.86
CA SER B 134 -26.77 8.50 30.72
C SER B 134 -27.83 9.09 29.81
N GLN B 135 -29.03 9.31 30.32
CA GLN B 135 -30.08 9.89 29.51
C GLN B 135 -29.70 11.33 29.16
N ALA B 136 -29.02 11.99 30.08
CA ALA B 136 -28.58 13.36 29.88
C ALA B 136 -27.62 13.42 28.69
N GLU B 137 -26.65 12.52 28.71
CA GLU B 137 -25.65 12.45 27.66
C GLU B 137 -26.28 12.22 26.28
N ARG B 138 -27.24 11.31 26.22
CA ARG B 138 -27.91 11.01 24.95
C ARG B 138 -28.71 12.21 24.49
N ASP B 139 -29.23 12.98 25.44
CA ASP B 139 -30.00 14.15 25.07
C ASP B 139 -29.07 15.20 24.47
N MET B 140 -27.92 15.43 25.10
CA MET B 140 -26.96 16.38 24.58
C MET B 140 -26.50 15.96 23.19
N TYR B 141 -26.29 14.66 22.99
CA TYR B 141 -25.83 14.15 21.71
C TYR B 141 -26.77 14.51 20.57
N ASN B 142 -28.04 14.15 20.74
CA ASN B 142 -29.04 14.44 19.73
C ASN B 142 -29.17 15.95 19.57
N GLN B 143 -29.12 16.65 20.68
CA GLN B 143 -29.22 18.10 20.66
C GLN B 143 -28.09 18.63 19.78
N GLY B 144 -26.86 18.19 20.04
CA GLY B 144 -25.71 18.65 19.26
C GLY B 144 -25.73 18.26 17.79
N ALA B 145 -26.05 17.00 17.51
CA ALA B 145 -26.11 16.53 16.14
C ALA B 145 -27.11 17.35 15.33
N ASP B 146 -28.31 17.50 15.89
CA ASP B 146 -29.39 18.24 15.25
C ASP B 146 -28.98 19.69 15.05
N ARG B 147 -28.48 20.31 16.11
CA ARG B 147 -28.03 21.70 16.05
C ARG B 147 -26.88 21.83 15.07
N LEU B 148 -26.06 20.79 14.94
CA LEU B 148 -24.91 20.80 14.04
C LEU B 148 -25.24 20.55 12.57
N PHE B 149 -25.70 19.36 12.22
CA PHE B 149 -26.01 19.07 10.82
C PHE B 149 -27.47 18.72 10.54
N GLY B 150 -28.32 18.97 11.54
CA GLY B 150 -29.73 18.67 11.40
C GLY B 150 -30.37 19.13 10.10
N ASP B 151 -30.34 20.46 9.89
CA ASP B 151 -30.94 21.05 8.70
C ASP B 151 -30.39 20.46 7.41
N ALA B 152 -29.08 20.51 7.20
CA ALA B 152 -28.48 19.97 5.98
C ALA B 152 -29.00 18.57 5.67
N VAL B 153 -29.33 17.81 6.71
CA VAL B 153 -29.85 16.45 6.55
C VAL B 153 -31.30 16.46 6.08
N ASN B 154 -32.16 17.20 6.77
CA ASN B 154 -33.57 17.27 6.36
C ASN B 154 -33.64 17.72 4.90
N SER B 155 -32.78 18.66 4.55
CA SER B 155 -32.73 19.18 3.19
C SER B 155 -32.49 18.08 2.18
N HIS B 156 -31.28 17.52 2.19
CA HIS B 156 -30.94 16.47 1.25
C HIS B 156 -31.95 15.34 1.33
N ARG B 157 -32.67 15.29 2.44
CA ARG B 157 -33.68 14.25 2.62
C ARG B 157 -34.87 14.60 1.76
N ALA B 158 -35.37 15.81 1.92
CA ALA B 158 -36.52 16.28 1.13
C ALA B 158 -36.18 16.18 -0.35
N SER B 159 -34.94 16.54 -0.70
CA SER B 159 -34.48 16.51 -2.09
C SER B 159 -34.45 15.10 -2.68
N ILE B 160 -35.02 14.12 -1.96
CA ILE B 160 -35.08 12.74 -2.44
C ILE B 160 -36.38 12.11 -1.96
N GLY B 161 -37.34 12.96 -1.64
CA GLY B 161 -38.64 12.49 -1.21
C GLY B 161 -38.68 11.87 0.17
N LEU B 162 -37.88 12.39 1.09
CA LEU B 162 -37.86 11.86 2.44
C LEU B 162 -38.26 12.89 3.49
N PRO B 163 -39.09 12.49 4.46
CA PRO B 163 -39.52 13.41 5.51
C PRO B 163 -38.37 13.73 6.45
N PRO B 164 -38.48 14.85 7.18
CA PRO B 164 -37.40 15.19 8.10
C PRO B 164 -37.33 14.23 9.29
N VAL B 165 -36.19 14.25 9.98
CA VAL B 165 -35.95 13.43 11.15
C VAL B 165 -35.19 14.28 12.14
N GLU B 166 -35.48 14.11 13.43
CA GLU B 166 -34.79 14.84 14.49
C GLU B 166 -34.09 13.75 15.29
N HIS B 167 -33.36 14.12 16.34
CA HIS B 167 -32.66 13.12 17.16
C HIS B 167 -31.79 12.27 16.24
N LEU B 168 -30.83 12.92 15.58
CA LEU B 168 -29.93 12.26 14.64
C LEU B 168 -28.99 11.24 15.27
N TYR B 169 -28.73 11.38 16.57
CA TYR B 169 -27.87 10.45 17.27
C TYR B 169 -28.60 9.11 17.29
N ASP B 170 -29.85 9.15 17.75
CA ASP B 170 -30.68 7.96 17.82
C ASP B 170 -30.84 7.38 16.42
N TYR B 171 -31.08 8.26 15.46
CA TYR B 171 -31.26 7.84 14.07
C TYR B 171 -30.03 7.15 13.52
N GLY B 172 -28.91 7.86 13.53
CA GLY B 172 -27.69 7.31 12.99
C GLY B 172 -27.15 6.08 13.70
N TYR B 173 -27.51 5.90 14.96
CA TYR B 173 -27.03 4.74 15.72
C TYR B 173 -28.04 3.60 15.74
N THR B 174 -29.32 3.96 15.64
CA THR B 174 -30.46 3.03 15.66
C THR B 174 -30.83 2.63 17.08
N ASP B 175 -31.98 1.97 17.22
CA ASP B 175 -32.47 1.53 18.53
C ASP B 175 -31.46 0.63 19.24
N GLN B 176 -30.89 -0.30 18.48
CA GLN B 176 -29.92 -1.21 19.02
C GLN B 176 -28.82 -1.43 17.99
N PRO B 177 -27.73 -0.64 18.10
CA PRO B 177 -26.63 -0.81 17.15
C PRO B 177 -25.88 -2.09 17.52
N TRP B 178 -25.21 -2.69 16.55
CA TRP B 178 -24.45 -3.91 16.81
C TRP B 178 -23.18 -3.58 17.57
N LEU B 179 -22.68 -4.56 18.34
CA LEU B 179 -21.43 -4.42 19.07
C LEU B 179 -20.44 -5.46 18.54
N ALA B 180 -19.53 -5.02 17.67
CA ALA B 180 -18.55 -5.92 17.10
C ALA B 180 -17.30 -5.95 17.97
N ALA B 181 -17.46 -6.46 19.18
CA ALA B 181 -16.36 -6.57 20.13
C ALA B 181 -16.44 -7.97 20.69
N ASP B 182 -15.39 -8.41 21.34
CA ASP B 182 -15.37 -9.76 21.92
C ASP B 182 -16.11 -9.89 23.26
N PRO B 183 -16.98 -10.91 23.36
CA PRO B 183 -17.79 -11.21 24.54
C PRO B 183 -16.99 -11.34 25.82
N VAL B 184 -15.81 -11.94 25.72
CA VAL B 184 -14.94 -12.15 26.87
C VAL B 184 -14.15 -10.90 27.27
N LEU B 185 -13.50 -10.27 26.31
CA LEU B 185 -12.73 -9.08 26.61
C LEU B 185 -13.62 -7.88 26.82
N SER B 186 -14.63 -7.73 25.96
CA SER B 186 -15.55 -6.60 26.03
C SER B 186 -16.99 -7.04 26.22
N PRO B 187 -17.33 -7.57 27.40
CA PRO B 187 -18.67 -8.04 27.73
C PRO B 187 -19.74 -6.97 27.83
N LEU B 188 -20.96 -7.34 27.47
CA LEU B 188 -22.08 -6.41 27.57
C LEU B 188 -22.35 -6.24 29.06
N ARG B 189 -23.15 -5.24 29.41
CA ARG B 189 -23.50 -5.00 30.80
C ARG B 189 -25.00 -5.16 30.97
N PRO B 190 -25.47 -5.39 32.20
CA PRO B 190 -26.91 -5.55 32.39
C PRO B 190 -27.73 -4.46 31.72
N THR B 191 -27.12 -3.30 31.50
CA THR B 191 -27.82 -2.18 30.86
C THR B 191 -27.96 -2.30 29.33
N ASP B 192 -27.22 -3.25 28.74
CA ASP B 192 -27.23 -3.43 27.28
C ASP B 192 -27.79 -4.79 26.89
N LEU B 193 -28.67 -5.34 27.70
CA LEU B 193 -29.23 -6.65 27.43
C LEU B 193 -29.85 -6.86 26.04
N GLY B 194 -30.47 -5.81 25.49
CA GLY B 194 -31.08 -5.95 24.18
C GLY B 194 -30.13 -5.80 23.00
N THR B 195 -28.83 -5.70 23.28
CA THR B 195 -27.83 -5.54 22.24
C THR B 195 -27.42 -6.87 21.63
N VAL B 196 -26.93 -6.82 20.40
CA VAL B 196 -26.46 -8.03 19.73
C VAL B 196 -24.95 -7.90 19.58
N GLN B 197 -24.21 -8.75 20.27
CA GLN B 197 -22.76 -8.73 20.21
C GLN B 197 -22.23 -9.88 19.35
N THR B 198 -21.79 -9.53 18.15
CA THR B 198 -21.30 -10.50 17.17
C THR B 198 -19.91 -11.09 17.40
N GLY B 199 -19.08 -10.36 18.13
CA GLY B 199 -17.71 -10.78 18.37
C GLY B 199 -16.91 -9.81 17.54
N ALA B 200 -15.62 -9.70 17.81
CA ALA B 200 -14.78 -8.77 17.05
C ALA B 200 -14.63 -9.21 15.59
N TRP B 201 -14.49 -8.23 14.70
CA TRP B 201 -14.30 -8.53 13.29
C TRP B 201 -12.83 -8.39 13.00
N ILE B 202 -12.13 -9.52 12.97
CA ILE B 202 -10.70 -9.51 12.74
C ILE B 202 -10.35 -10.19 11.42
N LEU B 203 -9.58 -9.49 10.60
CA LEU B 203 -9.15 -10.00 9.31
C LEU B 203 -8.05 -11.00 9.57
N PRO B 204 -8.25 -12.28 9.21
CA PRO B 204 -7.18 -13.26 9.46
C PRO B 204 -5.87 -12.85 8.79
N ASP B 205 -4.76 -13.07 9.49
CA ASP B 205 -3.43 -12.73 8.99
C ASP B 205 -2.64 -14.00 8.80
N GLU B 206 -2.47 -14.43 7.56
CA GLU B 206 -1.76 -15.66 7.27
C GLU B 206 -0.31 -15.49 6.81
N ARG B 207 0.20 -14.26 6.93
CA ARG B 207 1.58 -13.98 6.57
C ARG B 207 2.49 -14.69 7.57
N PRO B 208 3.59 -15.27 7.10
CA PRO B 208 4.50 -15.96 8.01
C PRO B 208 5.53 -15.00 8.60
N LEU B 209 6.24 -15.45 9.62
CA LEU B 209 7.25 -14.63 10.26
C LEU B 209 8.50 -14.70 9.39
N SER B 210 9.24 -13.60 9.31
CA SER B 210 10.44 -13.59 8.49
C SER B 210 11.40 -14.68 8.97
N ALA B 211 12.25 -15.14 8.05
CA ALA B 211 13.22 -16.19 8.37
C ALA B 211 14.10 -15.78 9.55
N GLU B 212 14.56 -14.53 9.56
CA GLU B 212 15.40 -14.04 10.64
C GLU B 212 14.69 -14.17 11.97
N LEU B 213 13.43 -13.74 12.03
CA LEU B 213 12.65 -13.81 13.25
C LEU B 213 12.55 -15.27 13.70
N GLU B 214 12.32 -16.15 12.73
CA GLU B 214 12.21 -17.58 13.02
C GLU B 214 13.52 -18.08 13.62
N ALA B 215 14.63 -17.64 13.05
CA ALA B 215 15.96 -18.03 13.52
C ALA B 215 16.16 -17.56 14.95
N PHE B 216 15.77 -16.32 15.22
CA PHE B 216 15.89 -15.76 16.55
C PHE B 216 15.05 -16.61 17.52
N LEU B 217 13.78 -16.79 17.18
CA LEU B 217 12.87 -17.57 18.02
C LEU B 217 13.44 -18.93 18.39
N ALA B 218 14.08 -19.59 17.42
CA ALA B 218 14.66 -20.91 17.64
C ALA B 218 16.02 -20.84 18.34
N ALA B 219 16.75 -19.76 18.08
CA ALA B 219 18.06 -19.56 18.65
C ALA B 219 18.15 -19.65 20.17
N GLY B 220 17.01 -19.72 20.85
CA GLY B 220 17.03 -19.80 22.30
C GLY B 220 15.70 -19.89 23.02
N SER B 221 15.67 -19.43 24.26
CA SER B 221 14.46 -19.46 25.09
C SER B 221 13.39 -18.47 24.67
N THR B 222 12.14 -18.85 24.93
CA THR B 222 10.98 -18.04 24.59
C THR B 222 11.14 -16.60 25.08
N PRO B 223 11.05 -15.64 24.16
CA PRO B 223 11.18 -14.24 24.50
C PRO B 223 9.87 -13.64 24.98
N VAL B 224 9.93 -12.37 25.38
CA VAL B 224 8.75 -11.66 25.83
C VAL B 224 8.56 -10.51 24.84
N TYR B 225 7.31 -10.32 24.42
CA TYR B 225 6.98 -9.26 23.49
C TYR B 225 6.79 -7.93 24.20
N VAL B 226 7.38 -6.88 23.65
CA VAL B 226 7.26 -5.56 24.21
C VAL B 226 6.85 -4.64 23.06
N GLY B 227 5.71 -3.99 23.21
CA GLY B 227 5.22 -3.09 22.18
C GLY B 227 4.14 -2.18 22.70
N PHE B 228 4.23 -0.89 22.41
CA PHE B 228 3.23 0.04 22.87
C PHE B 228 2.51 0.83 21.77
N GLY B 229 2.38 0.23 20.59
CA GLY B 229 1.68 0.89 19.51
C GLY B 229 2.48 1.92 18.73
N SER B 230 1.79 2.63 17.83
CA SER B 230 2.39 3.66 16.97
C SER B 230 2.89 4.89 17.71
N SER B 231 2.21 5.24 18.81
CA SER B 231 2.56 6.42 19.59
C SER B 231 4.02 6.78 19.59
N SER B 232 4.29 8.08 19.48
CA SER B 232 5.63 8.59 19.50
C SER B 232 5.82 9.46 20.74
N ARG B 233 4.80 9.51 21.59
CA ARG B 233 4.87 10.28 22.84
C ARG B 233 6.11 9.83 23.58
N PRO B 234 6.83 10.78 24.20
CA PRO B 234 8.06 10.43 24.93
C PRO B 234 7.79 9.37 25.98
N ALA B 235 6.68 9.53 26.71
CA ALA B 235 6.31 8.59 27.75
C ALA B 235 6.27 7.17 27.21
N THR B 236 5.85 7.00 25.97
CA THR B 236 5.78 5.67 25.37
C THR B 236 7.19 5.12 25.18
N ALA B 237 8.12 5.95 24.72
CA ALA B 237 9.49 5.53 24.54
C ALA B 237 10.05 5.08 25.88
N ASP B 238 9.79 5.86 26.91
CA ASP B 238 10.27 5.51 28.24
C ASP B 238 9.64 4.22 28.68
N ALA B 239 8.32 4.15 28.55
CA ALA B 239 7.58 2.94 28.92
C ALA B 239 8.28 1.73 28.28
N ALA B 240 8.65 1.87 27.02
CA ALA B 240 9.32 0.79 26.30
C ALA B 240 10.72 0.51 26.87
N LYS B 241 11.38 1.56 27.33
CA LYS B 241 12.72 1.41 27.90
C LYS B 241 12.71 0.60 29.19
N MET B 242 11.77 0.89 30.09
CA MET B 242 11.69 0.19 31.36
C MET B 242 11.28 -1.28 31.17
N ALA B 243 10.48 -1.54 30.14
CA ALA B 243 10.04 -2.90 29.89
C ALA B 243 11.23 -3.75 29.45
N ILE B 244 12.02 -3.22 28.53
CA ILE B 244 13.21 -3.92 28.03
C ILE B 244 14.03 -4.35 29.25
N LYS B 245 14.29 -3.38 30.11
CA LYS B 245 15.06 -3.59 31.32
C LYS B 245 14.43 -4.60 32.26
N ALA B 246 13.11 -4.52 32.41
CA ALA B 246 12.40 -5.44 33.28
C ALA B 246 12.42 -6.84 32.70
N VAL B 247 12.45 -6.93 31.38
CA VAL B 247 12.49 -8.23 30.73
C VAL B 247 13.89 -8.82 30.89
N ARG B 248 14.90 -7.97 30.74
CA ARG B 248 16.28 -8.42 30.91
C ARG B 248 16.48 -8.77 32.38
N ALA B 249 15.84 -7.98 33.25
CA ALA B 249 15.93 -8.18 34.69
C ALA B 249 15.51 -9.60 35.08
N SER B 250 14.49 -10.12 34.40
CA SER B 250 13.98 -11.47 34.66
C SER B 250 14.74 -12.51 33.85
N GLY B 251 15.82 -12.08 33.20
CA GLY B 251 16.63 -12.98 32.41
C GLY B 251 15.97 -13.57 31.18
N ARG B 252 15.13 -12.78 30.51
CA ARG B 252 14.45 -13.25 29.32
C ARG B 252 14.86 -12.44 28.09
N ARG B 253 14.54 -12.96 26.92
CA ARG B 253 14.87 -12.27 25.67
C ARG B 253 13.67 -11.40 25.27
N ILE B 254 13.90 -10.51 24.33
CA ILE B 254 12.86 -9.57 23.91
C ILE B 254 12.58 -9.51 22.41
N VAL B 255 11.33 -9.22 22.08
CA VAL B 255 10.91 -9.04 20.71
C VAL B 255 10.35 -7.63 20.79
N LEU B 256 11.13 -6.66 20.35
CA LEU B 256 10.73 -5.26 20.43
C LEU B 256 10.06 -4.66 19.21
N SER B 257 8.89 -4.09 19.45
CA SER B 257 8.09 -3.45 18.43
C SER B 257 8.56 -2.01 18.20
N ARG B 258 8.82 -1.66 16.94
CA ARG B 258 9.28 -0.31 16.57
C ARG B 258 8.48 0.18 15.38
N GLY B 259 8.40 1.49 15.22
CA GLY B 259 7.64 2.05 14.12
C GLY B 259 8.46 2.55 12.93
N TRP B 260 7.76 2.91 11.86
CA TRP B 260 8.42 3.40 10.66
C TRP B 260 9.11 4.74 10.91
N ALA B 261 8.49 5.56 11.75
CA ALA B 261 8.99 6.89 12.09
C ALA B 261 10.14 6.90 13.09
N ASP B 262 10.35 5.77 13.78
CA ASP B 262 11.42 5.69 14.78
C ASP B 262 12.85 5.63 14.28
N LEU B 263 13.75 6.23 15.06
CA LEU B 263 15.16 6.23 14.75
C LEU B 263 15.68 4.80 14.95
N VAL B 264 16.82 4.49 14.37
CA VAL B 264 17.37 3.16 14.50
C VAL B 264 18.11 2.99 15.83
N LEU B 265 17.93 1.84 16.48
CA LEU B 265 18.62 1.59 17.75
C LEU B 265 20.12 1.63 17.51
N PRO B 266 20.88 2.20 18.47
CA PRO B 266 22.34 2.29 18.33
C PRO B 266 22.87 0.90 18.03
N ASP B 267 22.99 0.11 19.10
CA ASP B 267 23.46 -1.26 19.00
C ASP B 267 22.25 -2.07 19.49
N ASP B 268 22.51 -3.22 20.07
CA ASP B 268 21.46 -4.07 20.61
C ASP B 268 22.09 -5.40 20.99
N GLY B 269 21.59 -6.01 22.06
CA GLY B 269 22.13 -7.28 22.45
C GLY B 269 21.63 -8.28 21.44
N ALA B 270 22.05 -9.53 21.58
CA ALA B 270 21.61 -10.58 20.68
C ALA B 270 20.36 -11.21 21.27
N ASP B 271 19.90 -10.64 22.38
CA ASP B 271 18.71 -11.15 23.06
C ASP B 271 17.47 -10.31 22.78
N CYS B 272 17.66 -9.23 22.02
CA CYS B 272 16.56 -8.33 21.66
C CYS B 272 16.43 -8.27 20.15
N PHE B 273 15.24 -8.61 19.66
CA PHE B 273 14.94 -8.61 18.23
C PHE B 273 13.87 -7.59 17.90
N VAL B 274 14.22 -6.59 17.10
CA VAL B 274 13.28 -5.55 16.71
C VAL B 274 12.33 -5.99 15.60
N VAL B 275 11.05 -5.67 15.76
CA VAL B 275 10.01 -6.04 14.81
C VAL B 275 9.12 -4.86 14.43
N GLY B 276 8.59 -4.89 13.20
CA GLY B 276 7.72 -3.82 12.74
C GLY B 276 6.37 -4.38 12.31
N GLU B 277 6.08 -4.30 11.01
CA GLU B 277 4.82 -4.82 10.47
C GLU B 277 4.88 -6.34 10.55
N VAL B 278 4.56 -6.89 11.70
CA VAL B 278 4.59 -8.33 11.88
C VAL B 278 3.18 -8.89 12.03
N ASN B 279 3.11 -10.21 11.96
CA ASN B 279 1.85 -10.93 12.11
C ASN B 279 1.73 -11.22 13.60
N LEU B 280 1.13 -10.30 14.34
CA LEU B 280 0.96 -10.49 15.77
C LEU B 280 0.19 -11.75 16.07
N GLN B 281 -0.84 -12.00 15.28
CA GLN B 281 -1.65 -13.19 15.47
C GLN B 281 -0.73 -14.41 15.62
N GLU B 282 0.29 -14.50 14.74
CA GLU B 282 1.23 -15.60 14.75
C GLU B 282 2.39 -15.43 15.73
N LEU B 283 2.83 -14.20 15.93
CA LEU B 283 3.94 -13.93 16.85
C LEU B 283 3.56 -14.18 18.30
N PHE B 284 2.37 -13.72 18.69
CA PHE B 284 1.92 -13.91 20.07
C PHE B 284 1.85 -15.39 20.43
N GLY B 285 1.82 -16.26 19.42
CA GLY B 285 1.77 -17.68 19.69
C GLY B 285 3.18 -18.22 19.87
N ARG B 286 4.16 -17.33 19.78
CA ARG B 286 5.56 -17.73 19.89
C ARG B 286 6.26 -17.03 21.05
N VAL B 287 5.50 -16.39 21.94
CA VAL B 287 6.11 -15.70 23.06
C VAL B 287 5.60 -16.16 24.42
N ALA B 288 6.29 -15.75 25.48
CA ALA B 288 5.92 -16.16 26.83
C ALA B 288 4.91 -15.22 27.50
N ALA B 289 5.00 -13.94 27.18
CA ALA B 289 4.11 -12.94 27.74
C ALA B 289 4.21 -11.71 26.85
N ALA B 290 3.38 -10.72 27.11
CA ALA B 290 3.40 -9.50 26.31
C ALA B 290 3.19 -8.27 27.18
N ILE B 291 4.13 -7.33 27.07
CA ILE B 291 4.05 -6.08 27.82
C ILE B 291 3.65 -5.03 26.79
N HIS B 292 2.40 -4.59 26.86
CA HIS B 292 1.90 -3.61 25.92
C HIS B 292 1.02 -2.52 26.54
N HIS B 293 0.40 -1.71 25.70
CA HIS B 293 -0.47 -0.61 26.13
C HIS B 293 -1.94 -1.00 26.22
N ASP B 294 -2.75 -0.05 26.67
CA ASP B 294 -4.19 -0.27 26.82
C ASP B 294 -4.91 -0.15 25.48
N SER B 295 -4.77 -1.18 24.67
CA SER B 295 -5.36 -1.24 23.35
C SER B 295 -6.23 -2.48 23.26
N ALA B 296 -7.43 -2.33 22.70
CA ALA B 296 -8.38 -3.42 22.54
C ALA B 296 -7.88 -4.52 21.60
N GLY B 297 -7.25 -4.10 20.50
CA GLY B 297 -6.77 -5.05 19.52
C GLY B 297 -5.62 -5.91 19.97
N THR B 298 -4.60 -5.26 20.52
CA THR B 298 -3.43 -5.98 21.02
C THR B 298 -3.82 -6.87 22.19
N THR B 299 -4.69 -6.36 23.06
CA THR B 299 -5.14 -7.14 24.21
C THR B 299 -5.90 -8.38 23.77
N LEU B 300 -6.66 -8.26 22.69
CA LEU B 300 -7.44 -9.37 22.16
C LEU B 300 -6.57 -10.44 21.51
N LEU B 301 -5.62 -10.01 20.68
CA LEU B 301 -4.74 -10.94 19.99
C LEU B 301 -3.90 -11.72 20.98
N ALA B 302 -3.48 -11.07 22.05
CA ALA B 302 -2.67 -11.73 23.06
C ALA B 302 -3.58 -12.63 23.87
N MET B 303 -4.77 -12.12 24.18
CA MET B 303 -5.72 -12.87 24.95
C MET B 303 -6.24 -14.11 24.23
N ARG B 304 -6.31 -14.07 22.90
CA ARG B 304 -6.78 -15.23 22.20
C ARG B 304 -5.63 -16.18 21.85
N ALA B 305 -4.40 -15.75 22.17
CA ALA B 305 -3.21 -16.56 21.93
C ALA B 305 -2.89 -17.37 23.18
N GLY B 306 -3.50 -16.99 24.31
CA GLY B 306 -3.28 -17.69 25.56
C GLY B 306 -1.98 -17.35 26.26
N ILE B 307 -1.49 -16.13 26.06
CA ILE B 307 -0.26 -15.73 26.71
C ILE B 307 -0.53 -14.71 27.78
N PRO B 308 0.12 -14.83 28.94
CA PRO B 308 -0.10 -13.86 30.00
C PRO B 308 0.38 -12.52 29.50
N GLN B 309 -0.21 -11.44 30.01
CA GLN B 309 0.17 -10.12 29.54
C GLN B 309 0.23 -9.01 30.58
N ILE B 310 1.12 -8.05 30.35
CA ILE B 310 1.30 -6.89 31.22
C ILE B 310 0.81 -5.65 30.48
N VAL B 311 -0.28 -5.07 30.96
CA VAL B 311 -0.83 -3.89 30.33
C VAL B 311 -0.54 -2.66 31.16
N VAL B 312 -0.01 -1.63 30.50
CA VAL B 312 0.29 -0.40 31.19
C VAL B 312 -0.86 0.56 30.93
N ARG B 313 -1.46 1.06 32.01
CA ARG B 313 -2.58 1.99 31.90
C ARG B 313 -2.10 3.42 32.14
N ARG B 314 -2.07 4.22 31.08
CA ARG B 314 -1.67 5.61 31.23
C ARG B 314 -2.82 6.14 32.08
N VAL B 315 -2.49 6.78 33.20
CA VAL B 315 -3.53 7.31 34.09
C VAL B 315 -3.36 8.83 34.24
N ALA B 323 -8.25 2.88 31.21
CA ALA B 323 -7.62 1.65 31.68
C ALA B 323 -8.59 0.46 31.60
N TYR B 324 -9.43 0.46 30.56
CA TYR B 324 -10.41 -0.60 30.35
C TYR B 324 -9.76 -1.98 30.26
N HIS B 325 -9.02 -2.19 29.17
CA HIS B 325 -8.38 -3.46 28.89
C HIS B 325 -7.31 -3.86 29.89
N ALA B 326 -6.75 -2.88 30.58
CA ALA B 326 -5.75 -3.19 31.59
C ALA B 326 -6.49 -3.89 32.73
N ASP B 327 -7.51 -3.23 33.26
CA ASP B 327 -8.30 -3.77 34.37
C ASP B 327 -9.08 -5.02 33.98
N ARG B 328 -9.40 -5.13 32.69
CA ARG B 328 -10.13 -6.29 32.23
C ARG B 328 -9.23 -7.54 32.27
N VAL B 329 -7.96 -7.34 31.97
CA VAL B 329 -6.98 -8.42 31.98
C VAL B 329 -6.74 -8.92 33.39
N ALA B 330 -6.84 -8.01 34.35
CA ALA B 330 -6.64 -8.37 35.75
C ALA B 330 -7.92 -9.05 36.23
N GLU B 331 -9.05 -8.55 35.74
CA GLU B 331 -10.35 -9.10 36.10
C GLU B 331 -10.45 -10.56 35.69
N LEU B 332 -9.86 -10.91 34.54
CA LEU B 332 -9.89 -12.28 34.06
C LEU B 332 -8.78 -13.14 34.68
N GLY B 333 -7.78 -12.47 35.26
CA GLY B 333 -6.66 -13.15 35.89
C GLY B 333 -5.68 -13.70 34.90
N VAL B 334 -5.69 -13.09 33.73
CA VAL B 334 -4.85 -13.48 32.61
C VAL B 334 -3.54 -12.67 32.53
N GLY B 335 -3.46 -11.62 33.34
CA GLY B 335 -2.26 -10.80 33.34
C GLY B 335 -2.27 -9.81 34.47
N VAL B 336 -1.38 -8.82 34.38
CA VAL B 336 -1.23 -7.80 35.41
C VAL B 336 -1.31 -6.40 34.85
N ALA B 337 -2.12 -5.56 35.49
CA ALA B 337 -2.27 -4.17 35.09
C ALA B 337 -1.30 -3.30 35.91
N VAL B 338 -0.47 -2.52 35.22
CA VAL B 338 0.47 -1.65 35.91
C VAL B 338 0.11 -0.25 35.44
N ASP B 339 0.20 0.75 36.32
CA ASP B 339 -0.18 2.10 35.91
C ASP B 339 0.93 3.12 35.75
N GLY B 340 0.51 4.37 35.55
CA GLY B 340 1.45 5.48 35.36
C GLY B 340 1.95 5.43 33.94
N PRO B 341 2.19 6.58 33.31
CA PRO B 341 2.68 6.59 31.92
C PRO B 341 3.94 5.74 31.80
N VAL B 342 4.85 5.95 32.75
CA VAL B 342 6.11 5.23 32.78
C VAL B 342 6.24 4.50 34.10
N PRO B 343 5.93 3.20 34.12
CA PRO B 343 6.04 2.44 35.36
C PRO B 343 7.49 2.27 35.80
N THR B 344 7.69 1.83 37.03
CA THR B 344 9.05 1.63 37.52
C THR B 344 9.53 0.25 37.10
N ILE B 345 10.85 0.05 37.15
CA ILE B 345 11.41 -1.24 36.77
C ILE B 345 10.88 -2.21 37.81
N ASP B 346 10.70 -1.72 39.03
CA ASP B 346 10.19 -2.59 40.08
C ASP B 346 8.77 -3.04 39.75
N SER B 347 7.90 -2.12 39.36
CA SER B 347 6.53 -2.49 39.00
C SER B 347 6.55 -3.52 37.88
N LEU B 348 7.15 -3.14 36.76
CA LEU B 348 7.26 -4.01 35.60
C LEU B 348 7.92 -5.34 35.88
N SER B 349 8.96 -5.35 36.71
CA SER B 349 9.65 -6.60 36.99
C SER B 349 8.82 -7.52 37.88
N ALA B 350 8.06 -6.95 38.81
CA ALA B 350 7.21 -7.75 39.68
C ALA B 350 6.07 -8.33 38.88
N ALA B 351 5.47 -7.50 38.03
CA ALA B 351 4.37 -7.90 37.19
C ALA B 351 4.81 -9.04 36.28
N LEU B 352 5.98 -8.88 35.69
CA LEU B 352 6.54 -9.89 34.81
C LEU B 352 6.79 -11.18 35.58
N ASP B 353 7.17 -11.03 36.86
CA ASP B 353 7.44 -12.19 37.70
C ASP B 353 6.19 -13.00 37.97
N THR B 354 5.08 -12.32 38.26
CA THR B 354 3.83 -13.03 38.51
C THR B 354 3.18 -13.43 37.20
N ALA B 355 3.38 -12.64 36.16
CA ALA B 355 2.80 -12.94 34.86
C ALA B 355 3.41 -14.20 34.26
N LEU B 356 4.70 -14.38 34.50
CA LEU B 356 5.41 -15.55 33.99
C LEU B 356 5.18 -16.81 34.83
N ALA B 357 4.43 -16.68 35.92
CA ALA B 357 4.16 -17.80 36.81
C ALA B 357 3.16 -18.76 36.19
N PRO B 358 3.49 -20.06 36.19
CA PRO B 358 2.62 -21.09 35.62
C PRO B 358 1.13 -21.08 36.03
N GLU B 359 0.81 -20.57 37.21
CA GLU B 359 -0.59 -20.52 37.64
C GLU B 359 -1.33 -19.52 36.79
N ILE B 360 -0.65 -18.43 36.45
CA ILE B 360 -1.25 -17.38 35.64
C ILE B 360 -1.22 -17.70 34.15
N ARG B 361 -0.23 -18.48 33.71
CA ARG B 361 -0.16 -18.87 32.31
C ARG B 361 -1.29 -19.86 32.09
N ALA B 362 -1.60 -20.63 33.12
CA ALA B 362 -2.66 -21.62 33.07
C ALA B 362 -3.99 -20.90 32.89
N ARG B 363 -4.10 -19.72 33.49
CA ARG B 363 -5.31 -18.93 33.42
C ARG B 363 -5.44 -18.26 32.07
N ALA B 364 -4.30 -17.90 31.48
CA ALA B 364 -4.29 -17.27 30.18
C ALA B 364 -4.78 -18.26 29.14
N THR B 365 -4.32 -19.50 29.28
CA THR B 365 -4.68 -20.58 28.37
C THR B 365 -6.15 -20.94 28.45
N THR B 366 -6.67 -20.98 29.67
CA THR B 366 -8.07 -21.31 29.89
C THR B 366 -8.96 -20.25 29.23
N VAL B 367 -8.64 -18.98 29.46
CA VAL B 367 -9.43 -17.91 28.87
C VAL B 367 -9.35 -17.93 27.35
N ALA B 368 -8.17 -18.21 26.81
CA ALA B 368 -8.02 -18.25 25.36
C ALA B 368 -9.00 -19.26 24.79
N ASP B 369 -9.13 -20.38 25.48
CA ASP B 369 -10.05 -21.45 25.06
C ASP B 369 -11.50 -20.99 25.01
N THR B 370 -11.75 -19.74 25.40
CA THR B 370 -13.11 -19.22 25.40
C THR B 370 -13.33 -18.05 24.44
N ILE B 371 -12.26 -17.48 23.89
CA ILE B 371 -12.41 -16.37 22.96
C ILE B 371 -12.87 -16.89 21.60
N ARG B 372 -13.67 -16.10 20.91
CA ARG B 372 -14.20 -16.47 19.61
C ARG B 372 -13.47 -15.77 18.45
N ALA B 373 -13.55 -16.37 17.27
CA ALA B 373 -12.92 -15.80 16.08
C ALA B 373 -13.90 -15.81 14.92
N ASP B 374 -15.18 -15.99 15.21
CA ASP B 374 -16.19 -16.03 14.17
C ASP B 374 -17.11 -14.80 14.08
N GLY B 375 -16.72 -13.72 14.74
CA GLY B 375 -17.51 -12.51 14.72
C GLY B 375 -18.06 -12.11 13.36
N THR B 376 -17.20 -12.10 12.34
CA THR B 376 -17.62 -11.73 10.99
C THR B 376 -18.62 -12.71 10.37
N THR B 377 -18.47 -13.99 10.68
CA THR B 377 -19.40 -14.98 10.15
C THR B 377 -20.74 -14.83 10.87
N VAL B 378 -20.69 -14.54 12.17
CA VAL B 378 -21.92 -14.34 12.94
C VAL B 378 -22.63 -13.10 12.38
N ALA B 379 -21.85 -12.07 12.06
CA ALA B 379 -22.41 -10.85 11.51
C ALA B 379 -23.03 -11.15 10.15
N ALA B 380 -22.33 -11.93 9.34
CA ALA B 380 -22.80 -12.30 8.00
C ALA B 380 -24.13 -13.00 8.06
N GLN B 381 -24.25 -14.01 8.91
CA GLN B 381 -25.49 -14.75 9.06
C GLN B 381 -26.61 -13.79 9.41
N LEU B 382 -26.30 -12.83 10.27
CA LEU B 382 -27.30 -11.83 10.66
C LEU B 382 -27.74 -11.01 9.45
N LEU B 383 -26.79 -10.62 8.60
CA LEU B 383 -27.11 -9.86 7.40
C LEU B 383 -27.96 -10.71 6.46
N PHE B 384 -27.62 -11.99 6.34
CA PHE B 384 -28.39 -12.88 5.48
C PHE B 384 -29.83 -12.89 5.92
N ASP B 385 -30.04 -13.26 7.18
CA ASP B 385 -31.37 -13.33 7.74
C ASP B 385 -32.10 -12.00 7.69
N ALA B 386 -31.38 -10.89 7.77
CA ALA B 386 -32.00 -9.56 7.72
C ALA B 386 -32.63 -9.36 6.36
N VAL B 387 -31.85 -9.68 5.31
CA VAL B 387 -32.31 -9.54 3.95
C VAL B 387 -33.51 -10.45 3.69
N SER B 388 -33.32 -11.72 4.00
CA SER B 388 -34.36 -12.73 3.79
C SER B 388 -35.71 -12.36 4.40
N LEU B 389 -35.70 -11.79 5.59
CA LEU B 389 -36.96 -11.44 6.25
C LEU B 389 -37.43 -10.02 6.00
N GLU B 390 -36.48 -9.11 5.77
CA GLU B 390 -36.83 -7.72 5.54
C GLU B 390 -36.81 -7.33 4.06
N LYS B 391 -37.90 -7.67 3.38
CA LYS B 391 -38.08 -7.41 1.94
C LYS B 391 -37.38 -8.49 1.10
N MLU C 1 28.66 -0.29 -23.40
CN MLU C 1 28.87 1.15 -23.08
CA MLU C 1 29.84 -1.18 -23.22
C MLU C 1 30.25 -1.26 -21.73
O MLU C 1 31.43 -1.22 -21.40
CB MLU C 1 29.57 -2.60 -23.69
CG MLU C 1 30.81 -3.51 -23.93
CD1 MLU C 1 31.00 -3.72 -25.42
CD2 MLU C 1 30.64 -4.82 -23.24
N OMZ C 2 29.23 -1.38 -20.82
CA OMZ C 2 29.54 -1.51 -19.42
C OMZ C 2 28.76 -0.54 -18.45
O OMZ C 2 29.23 -0.41 -17.32
CB OMZ C 2 29.46 -3.02 -18.91
OC OMZ C 2 30.10 -3.89 -19.82
CG OMZ C 2 28.04 -3.50 -18.74
CD1 OMZ C 2 27.56 -3.66 -17.42
CD2 OMZ C 2 27.14 -3.70 -19.85
CE1 OMZ C 2 26.23 -3.98 -17.19
CL OMZ C 2 25.65 -3.94 -15.57
CE2 OMZ C 2 25.80 -4.03 -19.61
CZ OMZ C 2 25.33 -4.15 -18.24
OH OMZ C 2 23.98 -4.34 -17.91
N ASN C 3 27.61 0.09 -18.84
CA ASN C 3 26.98 0.99 -17.84
C ASN C 3 25.43 0.84 -17.66
N GHP C 4 24.61 0.59 -18.69
CA GHP C 4 23.13 0.44 -18.43
C GHP C 4 22.34 1.36 -19.31
O GHP C 4 22.73 1.74 -20.41
C1 GHP C 4 22.59 -1.02 -18.57
C2 GHP C 4 21.26 -1.34 -18.96
C3 GHP C 4 20.84 -2.72 -19.08
C4 GHP C 4 21.79 -3.78 -18.83
O4 GHP C 4 21.45 -5.15 -18.91
C5 GHP C 4 23.10 -3.39 -18.44
C6 GHP C 4 23.44 -2.05 -18.34
N GHP C 5 21.15 1.68 -18.73
CA GHP C 5 20.17 2.48 -19.36
C GHP C 5 18.86 2.32 -18.48
O GHP C 5 18.99 2.20 -17.26
C1 GHP C 5 20.32 3.98 -19.64
C2 GHP C 5 19.97 4.38 -20.92
C3 GHP C 5 19.90 5.71 -21.32
C4 GHP C 5 20.23 6.71 -20.34
O4 GHP C 5 20.18 8.04 -20.71
C5 GHP C 5 20.62 6.31 -19.03
C6 GHP C 5 20.68 4.95 -18.68
N OMY C 6 17.62 2.31 -19.06
CA OMY C 6 17.23 2.41 -20.41
OCZ OMY C 6 19.47 -3.12 -19.34
CE2 OMY C 6 17.54 -1.72 -18.88
CE1 OMY C 6 18.57 -1.53 -21.10
CZ OMY C 6 18.51 -2.19 -19.82
CG OMY C 6 16.77 0.01 -20.47
CD2 OMY C 6 16.68 -0.65 -19.20
CD1 OMY C 6 17.72 -0.46 -21.43
CB OMY C 6 16.06 1.35 -20.74
CL OMY C 6 19.72 -2.07 -22.34
O OMY C 6 16.81 4.74 -19.85
C OMY C 6 16.96 3.92 -20.75
ODE OMY C 6 14.93 1.59 -19.95
N 3FG C 7 16.94 4.21 -22.06
OD1 3FG C 7 21.95 6.26 -23.15
CD1 3FG C 7 20.67 6.30 -23.60
CG1 3FG C 7 19.55 6.01 -22.75
CZ 3FG C 7 20.51 6.66 -24.96
CD2 3FG C 7 19.26 6.73 -25.53
OD2 3FG C 7 19.03 7.05 -26.82
CG2 3FG C 7 18.10 6.44 -24.73
CB 3FG C 7 18.18 6.05 -23.35
CA 3FG C 7 16.81 5.56 -22.63
C 3FG C 7 15.59 5.54 -23.68
O 3FG C 7 15.70 4.64 -24.58
OXT 3FG C 7 14.71 6.37 -23.56
N MLU D 1 -19.79 19.54 20.44
CN MLU D 1 -18.73 19.67 21.47
CA MLU D 1 -19.51 18.56 19.34
C MLU D 1 -20.86 18.03 18.83
O MLU D 1 -21.81 18.76 18.76
CB MLU D 1 -18.81 19.22 18.18
CG MLU D 1 -17.42 18.72 17.74
CD1 MLU D 1 -17.32 18.89 16.23
CD2 MLU D 1 -17.19 17.30 18.09
N OMZ D 2 -20.91 16.74 18.46
CA OMZ D 2 -22.13 16.16 17.96
C OMZ D 2 -21.91 15.23 16.71
O OMZ D 2 -22.88 14.73 16.19
CB OMZ D 2 -23.07 15.47 19.07
OC OMZ D 2 -23.20 16.33 20.18
CG OMZ D 2 -22.53 14.16 19.58
CD1 OMZ D 2 -23.00 12.97 18.97
CD2 OMZ D 2 -21.47 14.06 20.55
CE1 OMZ D 2 -22.41 11.76 19.27
CL OMZ D 2 -22.91 10.37 18.36
CE2 OMZ D 2 -20.89 12.82 20.85
CZ OMZ D 2 -21.37 11.67 20.19
OH OMZ D 2 -20.74 10.43 20.27
N ASN D 3 -20.64 15.04 16.26
CA ASN D 3 -20.38 14.20 15.06
C ASN D 3 -19.59 12.88 15.27
N GHP D 4 -18.69 12.78 16.23
CA GHP D 4 -17.96 11.49 16.37
C GHP D 4 -16.49 11.67 16.08
O GHP D 4 -15.82 12.57 16.52
C1 GHP D 4 -18.13 10.74 17.70
C2 GHP D 4 -17.27 9.75 18.11
C3 GHP D 4 -17.46 9.02 19.33
C4 GHP D 4 -18.57 9.33 20.16
O4 GHP D 4 -18.83 8.61 21.34
C5 GHP D 4 -19.44 10.36 19.72
C6 GHP D 4 -19.19 11.02 18.51
N GHP D 5 -16.03 10.68 15.29
CA GHP D 5 -14.67 10.60 14.95
C GHP D 5 -14.44 9.08 14.60
O GHP D 5 -15.39 8.48 14.10
C1 GHP D 5 -14.01 11.43 13.81
C2 GHP D 5 -12.86 12.14 14.15
C3 GHP D 5 -12.04 12.80 13.20
C4 GHP D 5 -12.46 12.72 11.83
O4 GHP D 5 -11.65 13.28 10.90
C5 GHP D 5 -13.64 12.04 11.49
C6 GHP D 5 -14.43 11.39 12.46
N OMY D 6 -13.31 8.45 14.87
CA OMY D 6 -12.14 8.88 15.53
OCZ OMY D 6 -16.61 7.96 19.71
CE2 OMY D 6 -15.13 6.81 18.20
CE1 OMY D 6 -14.30 8.85 19.27
CZ OMY D 6 -15.33 7.86 19.12
CG OMY D 6 -12.94 7.73 17.57
CD2 OMY D 6 -13.96 6.73 17.44
CD1 OMY D 6 -13.12 8.78 18.51
CB OMY D 6 -11.73 7.80 16.65
CL OMY D 6 -14.43 10.16 20.45
O OMY D 6 -10.62 8.32 13.75
C OMY D 6 -11.02 9.18 14.51
ODE OMY D 6 -11.42 6.58 16.07
N 3FG D 7 -10.67 10.47 14.46
OD1 3FG D 7 -11.68 15.67 13.62
CD1 3FG D 7 -10.65 14.83 13.87
CG1 3FG D 7 -10.73 13.43 13.66
CZ 3FG D 7 -9.44 15.45 14.31
CD2 3FG D 7 -8.29 14.68 14.54
OD2 3FG D 7 -7.12 15.19 14.96
CG2 3FG D 7 -8.33 13.26 14.31
CB 3FG D 7 -9.52 12.63 13.88
CA 3FG D 7 -9.59 11.09 13.65
C 3FG D 7 -8.22 10.29 13.67
O 3FG D 7 -7.80 10.04 14.83
OXT 3FG D 7 -7.69 10.08 12.63
PA TYD E . 7.04 1.71 -18.20
O1A TYD E . 7.32 0.81 -17.06
O2A TYD E . 6.30 1.15 -19.37
O3A TYD E . 8.53 2.13 -18.72
PB TYD E . 9.17 2.97 -19.97
O1B TYD E . 9.72 4.27 -19.42
O2B TYD E . 8.03 3.18 -20.96
O3B TYD E . 10.27 2.07 -20.51
O5' TYD E . 6.21 2.96 -17.66
C5' TYD E . 6.58 3.61 -16.44
C4' TYD E . 5.37 4.27 -15.77
O4' TYD E . 4.94 5.49 -16.42
C3' TYD E . 4.08 3.48 -15.72
O3' TYD E . 4.11 2.57 -14.63
C2' TYD E . 3.00 4.54 -15.47
C1' TYD E . 3.71 5.86 -15.84
N1 TYD E . 2.96 6.73 -16.76
C2 TYD E . 2.04 7.59 -16.20
O2 TYD E . 1.70 7.53 -15.03
N3 TYD E . 1.52 8.53 -17.05
C4 TYD E . 1.83 8.69 -18.38
O4 TYD E . 1.30 9.60 -19.02
C5 TYD E . 2.80 7.76 -18.92
C5M TYD E . 3.19 7.86 -20.36
C6 TYD E . 3.31 6.84 -18.09
C2 BGC F . 21.53 -7.29 -19.92
C3 BGC F . 21.74 -8.10 -21.20
C4 BGC F . 20.78 -7.51 -22.28
C5 BGC F . 21.04 -6.00 -22.39
C6 BGC F . 20.16 -5.18 -23.41
C1 BGC F . 21.71 -5.82 -20.13
O2 BGC F . 22.47 -7.78 -18.94
O3 BGC F . 21.51 -9.49 -21.02
O4 BGC F . 21.01 -8.12 -23.55
O5 BGC F . 20.81 -5.39 -21.13
O6 BGC F . 19.00 -5.55 -24.04
C2 BGC G . -19.00 8.34 23.66
C3 BGC G . -18.63 8.79 25.05
C4 BGC G . -17.08 8.97 25.15
C5 BGC G . -16.49 9.64 23.89
C6 BGC G . -14.94 9.51 23.69
C1 BGC G . -18.41 9.17 22.59
O2 BGC G . -20.45 8.38 23.59
O3 BGC G . -19.04 7.87 26.04
O4 BGC G . -16.77 9.82 26.25
O5 BGC G . -17.02 9.09 22.69
O6 BGC G . -14.21 8.39 23.45
#